data_1BET
# 
_entry.id   1BET 
# 
_audit_conform.dict_name       mmcif_pdbx.dic 
_audit_conform.dict_version    5.399 
_audit_conform.dict_location   http://mmcif.pdb.org/dictionaries/ascii/mmcif_pdbx.dic 
# 
loop_
_database_2.database_id 
_database_2.database_code 
_database_2.pdbx_database_accession 
_database_2.pdbx_DOI 
PDB   1BET         pdb_00001bet 10.2210/pdb1bet/pdb 
WWPDB D_1000171671 ?            ?                   
# 
loop_
_pdbx_audit_revision_history.ordinal 
_pdbx_audit_revision_history.data_content_type 
_pdbx_audit_revision_history.major_revision 
_pdbx_audit_revision_history.minor_revision 
_pdbx_audit_revision_history.revision_date 
1 'Structure model' 1 0 1994-05-31 
2 'Structure model' 1 1 2008-03-24 
3 'Structure model' 1 2 2011-07-13 
4 'Structure model' 1 3 2024-06-05 
5 'Structure model' 1 4 2024-11-20 
# 
_pdbx_audit_revision_details.ordinal             1 
_pdbx_audit_revision_details.revision_ordinal    1 
_pdbx_audit_revision_details.data_content_type   'Structure model' 
_pdbx_audit_revision_details.provider            repository 
_pdbx_audit_revision_details.type                'Initial release' 
_pdbx_audit_revision_details.description         ? 
_pdbx_audit_revision_details.details             ? 
# 
loop_
_pdbx_audit_revision_group.ordinal 
_pdbx_audit_revision_group.revision_ordinal 
_pdbx_audit_revision_group.data_content_type 
_pdbx_audit_revision_group.group 
1 2 'Structure model' 'Version format compliance' 
2 3 'Structure model' 'Derived calculations'      
3 3 'Structure model' 'Version format compliance' 
4 4 'Structure model' 'Data collection'           
5 4 'Structure model' 'Database references'       
6 4 'Structure model' Other                       
7 5 'Structure model' 'Structure summary'         
# 
loop_
_pdbx_audit_revision_category.ordinal 
_pdbx_audit_revision_category.revision_ordinal 
_pdbx_audit_revision_category.data_content_type 
_pdbx_audit_revision_category.category 
1 4 'Structure model' chem_comp_atom            
2 4 'Structure model' chem_comp_bond            
3 4 'Structure model' database_2                
4 4 'Structure model' pdbx_database_status      
5 5 'Structure model' pdbx_entry_details        
6 5 'Structure model' pdbx_modification_feature 
# 
loop_
_pdbx_audit_revision_item.ordinal 
_pdbx_audit_revision_item.revision_ordinal 
_pdbx_audit_revision_item.data_content_type 
_pdbx_audit_revision_item.item 
1 4 'Structure model' '_database_2.pdbx_DOI'                
2 4 'Structure model' '_database_2.pdbx_database_accession' 
3 4 'Structure model' '_pdbx_database_status.process_site'  
# 
_pdbx_database_status.status_code                     REL 
_pdbx_database_status.entry_id                        1BET 
_pdbx_database_status.recvd_initial_deposition_date   1993-04-08 
_pdbx_database_status.deposit_site                    ? 
_pdbx_database_status.process_site                    BNL 
_pdbx_database_status.SG_entry                        . 
_pdbx_database_status.pdb_format_compatible           Y 
_pdbx_database_status.status_code_mr                  ? 
_pdbx_database_status.status_code_sf                  ? 
_pdbx_database_status.status_code_cs                  ? 
_pdbx_database_status.status_code_nmr_data            ? 
_pdbx_database_status.methods_development_category    ? 
# 
loop_
_audit_author.name 
_audit_author.pdbx_ordinal 
'Mcdonald, N.Q.'  1 
'Lapatto, R.'     2 
'Murray-Rust, J.' 3 
'Gunning, J.'     4 
'Wlodawer, A.'    5 
'Blundell, T.L.'  6 
# 
_citation.id                        primary 
_citation.title                     'New protein fold revealed by a 2.3-A resolution crystal structure of nerve growth factor.' 
_citation.journal_abbrev            Nature 
_citation.journal_volume            354 
_citation.page_first                411 
_citation.page_last                 414 
_citation.year                      1991 
_citation.journal_id_ASTM           NATUAS 
_citation.country                   UK 
_citation.journal_id_ISSN           0028-0836 
_citation.journal_id_CSD            0006 
_citation.book_publisher            ? 
_citation.pdbx_database_id_PubMed   1956407 
_citation.pdbx_database_id_DOI      10.1038/354411a0 
# 
loop_
_citation_author.citation_id 
_citation_author.name 
_citation_author.ordinal 
_citation_author.identifier_ORCID 
primary 'McDonald, N.Q.'  1 ? 
primary 'Lapatto, R.'     2 ? 
primary 'Murray-Rust, J.' 3 ? 
primary 'Gunning, J.'     4 ? 
primary 'Wlodawer, A.'    5 ? 
primary 'Blundell, T.L.'  6 ? 
# 
loop_
_entity.id 
_entity.type 
_entity.src_method 
_entity.pdbx_description 
_entity.formula_weight 
_entity.pdbx_number_of_molecules 
_entity.pdbx_ec 
_entity.pdbx_mutation 
_entity.pdbx_fragment 
_entity.details 
1 polymer man 'BETA-NERVE GROWTH FACTOR' 11992.542 1  ? ? ? ? 
2 water   nat water                      18.015    32 ? ? ? ? 
# 
_entity_poly.entity_id                      1 
_entity_poly.type                           'polypeptide(L)' 
_entity_poly.nstd_linkage                   no 
_entity_poly.nstd_monomer                   no 
_entity_poly.pdbx_seq_one_letter_code       
;GEFSVCDSVSVWVGDKTTATDIKGKEVTVLAEVNINNSVFRQYFFETKCRASNPVESGCRGIDSKHWNSYCTTTHTFVKA
LTTDEKQAAWRFIRIDTACVCVLSRKA
;
_entity_poly.pdbx_seq_one_letter_code_can   
;GEFSVCDSVSVWVGDKTTATDIKGKEVTVLAEVNINNSVFRQYFFETKCRASNPVESGCRGIDSKHWNSYCTTTHTFVKA
LTTDEKQAAWRFIRIDTACVCVLSRKA
;
_entity_poly.pdbx_strand_id                 A 
_entity_poly.pdbx_target_identifier         ? 
# 
_pdbx_entity_nonpoly.entity_id   2 
_pdbx_entity_nonpoly.name        water 
_pdbx_entity_nonpoly.comp_id     HOH 
# 
loop_
_entity_poly_seq.entity_id 
_entity_poly_seq.num 
_entity_poly_seq.mon_id 
_entity_poly_seq.hetero 
1 1   GLY n 
1 2   GLU n 
1 3   PHE n 
1 4   SER n 
1 5   VAL n 
1 6   CYS n 
1 7   ASP n 
1 8   SER n 
1 9   VAL n 
1 10  SER n 
1 11  VAL n 
1 12  TRP n 
1 13  VAL n 
1 14  GLY n 
1 15  ASP n 
1 16  LYS n 
1 17  THR n 
1 18  THR n 
1 19  ALA n 
1 20  THR n 
1 21  ASP n 
1 22  ILE n 
1 23  LYS n 
1 24  GLY n 
1 25  LYS n 
1 26  GLU n 
1 27  VAL n 
1 28  THR n 
1 29  VAL n 
1 30  LEU n 
1 31  ALA n 
1 32  GLU n 
1 33  VAL n 
1 34  ASN n 
1 35  ILE n 
1 36  ASN n 
1 37  ASN n 
1 38  SER n 
1 39  VAL n 
1 40  PHE n 
1 41  ARG n 
1 42  GLN n 
1 43  TYR n 
1 44  PHE n 
1 45  PHE n 
1 46  GLU n 
1 47  THR n 
1 48  LYS n 
1 49  CYS n 
1 50  ARG n 
1 51  ALA n 
1 52  SER n 
1 53  ASN n 
1 54  PRO n 
1 55  VAL n 
1 56  GLU n 
1 57  SER n 
1 58  GLY n 
1 59  CYS n 
1 60  ARG n 
1 61  GLY n 
1 62  ILE n 
1 63  ASP n 
1 64  SER n 
1 65  LYS n 
1 66  HIS n 
1 67  TRP n 
1 68  ASN n 
1 69  SER n 
1 70  TYR n 
1 71  CYS n 
1 72  THR n 
1 73  THR n 
1 74  THR n 
1 75  HIS n 
1 76  THR n 
1 77  PHE n 
1 78  VAL n 
1 79  LYS n 
1 80  ALA n 
1 81  LEU n 
1 82  THR n 
1 83  THR n 
1 84  ASP n 
1 85  GLU n 
1 86  LYS n 
1 87  GLN n 
1 88  ALA n 
1 89  ALA n 
1 90  TRP n 
1 91  ARG n 
1 92  PHE n 
1 93  ILE n 
1 94  ARG n 
1 95  ILE n 
1 96  ASP n 
1 97  THR n 
1 98  ALA n 
1 99  CYS n 
1 100 VAL n 
1 101 CYS n 
1 102 VAL n 
1 103 LEU n 
1 104 SER n 
1 105 ARG n 
1 106 LYS n 
1 107 ALA n 
# 
_entity_src_gen.entity_id                          1 
_entity_src_gen.pdbx_src_id                        1 
_entity_src_gen.pdbx_alt_source_flag               sample 
_entity_src_gen.pdbx_seq_type                      ? 
_entity_src_gen.pdbx_beg_seq_num                   ? 
_entity_src_gen.pdbx_end_seq_num                   ? 
_entity_src_gen.gene_src_common_name               'house mouse' 
_entity_src_gen.gene_src_genus                     Mus 
_entity_src_gen.pdbx_gene_src_gene                 ? 
_entity_src_gen.gene_src_species                   ? 
_entity_src_gen.gene_src_strain                    ? 
_entity_src_gen.gene_src_tissue                    ? 
_entity_src_gen.gene_src_tissue_fraction           ? 
_entity_src_gen.gene_src_details                   ? 
_entity_src_gen.pdbx_gene_src_fragment             ? 
_entity_src_gen.pdbx_gene_src_scientific_name      'Mus musculus' 
_entity_src_gen.pdbx_gene_src_ncbi_taxonomy_id     10090 
_entity_src_gen.pdbx_gene_src_variant              ? 
_entity_src_gen.pdbx_gene_src_cell_line            ? 
_entity_src_gen.pdbx_gene_src_atcc                 ? 
_entity_src_gen.pdbx_gene_src_organ                ? 
_entity_src_gen.pdbx_gene_src_organelle            ? 
_entity_src_gen.pdbx_gene_src_cell                 ? 
_entity_src_gen.pdbx_gene_src_cellular_location    ? 
_entity_src_gen.host_org_common_name               ? 
_entity_src_gen.pdbx_host_org_scientific_name      ? 
_entity_src_gen.pdbx_host_org_ncbi_taxonomy_id     ? 
_entity_src_gen.host_org_genus                     ? 
_entity_src_gen.pdbx_host_org_gene                 ? 
_entity_src_gen.pdbx_host_org_organ                ? 
_entity_src_gen.host_org_species                   ? 
_entity_src_gen.pdbx_host_org_tissue               ? 
_entity_src_gen.pdbx_host_org_tissue_fraction      ? 
_entity_src_gen.pdbx_host_org_strain               ? 
_entity_src_gen.pdbx_host_org_variant              ? 
_entity_src_gen.pdbx_host_org_cell_line            ? 
_entity_src_gen.pdbx_host_org_atcc                 ? 
_entity_src_gen.pdbx_host_org_culture_collection   ? 
_entity_src_gen.pdbx_host_org_cell                 ? 
_entity_src_gen.pdbx_host_org_organelle            ? 
_entity_src_gen.pdbx_host_org_cellular_location    ? 
_entity_src_gen.pdbx_host_org_vector_type          ? 
_entity_src_gen.pdbx_host_org_vector               ? 
_entity_src_gen.host_org_details                   ? 
_entity_src_gen.expression_system_id               ? 
_entity_src_gen.plasmid_name                       ? 
_entity_src_gen.plasmid_details                    ? 
_entity_src_gen.pdbx_description                   ? 
# 
loop_
_chem_comp.id 
_chem_comp.type 
_chem_comp.mon_nstd_flag 
_chem_comp.name 
_chem_comp.pdbx_synonyms 
_chem_comp.formula 
_chem_comp.formula_weight 
ALA 'L-peptide linking' y ALANINE         ? 'C3 H7 N O2'     89.093  
ARG 'L-peptide linking' y ARGININE        ? 'C6 H15 N4 O2 1' 175.209 
ASN 'L-peptide linking' y ASPARAGINE      ? 'C4 H8 N2 O3'    132.118 
ASP 'L-peptide linking' y 'ASPARTIC ACID' ? 'C4 H7 N O4'     133.103 
CYS 'L-peptide linking' y CYSTEINE        ? 'C3 H7 N O2 S'   121.158 
GLN 'L-peptide linking' y GLUTAMINE       ? 'C5 H10 N2 O3'   146.144 
GLU 'L-peptide linking' y 'GLUTAMIC ACID' ? 'C5 H9 N O4'     147.129 
GLY 'peptide linking'   y GLYCINE         ? 'C2 H5 N O2'     75.067  
HIS 'L-peptide linking' y HISTIDINE       ? 'C6 H10 N3 O2 1' 156.162 
HOH non-polymer         . WATER           ? 'H2 O'           18.015  
ILE 'L-peptide linking' y ISOLEUCINE      ? 'C6 H13 N O2'    131.173 
LEU 'L-peptide linking' y LEUCINE         ? 'C6 H13 N O2'    131.173 
LYS 'L-peptide linking' y LYSINE          ? 'C6 H15 N2 O2 1' 147.195 
PHE 'L-peptide linking' y PHENYLALANINE   ? 'C9 H11 N O2'    165.189 
PRO 'L-peptide linking' y PROLINE         ? 'C5 H9 N O2'     115.130 
SER 'L-peptide linking' y SERINE          ? 'C3 H7 N O3'     105.093 
THR 'L-peptide linking' y THREONINE       ? 'C4 H9 N O3'     119.119 
TRP 'L-peptide linking' y TRYPTOPHAN      ? 'C11 H12 N2 O2'  204.225 
TYR 'L-peptide linking' y TYROSINE        ? 'C9 H11 N O3'    181.189 
VAL 'L-peptide linking' y VALINE          ? 'C5 H11 N O2'    117.146 
# 
loop_
_pdbx_poly_seq_scheme.asym_id 
_pdbx_poly_seq_scheme.entity_id 
_pdbx_poly_seq_scheme.seq_id 
_pdbx_poly_seq_scheme.mon_id 
_pdbx_poly_seq_scheme.ndb_seq_num 
_pdbx_poly_seq_scheme.pdb_seq_num 
_pdbx_poly_seq_scheme.auth_seq_num 
_pdbx_poly_seq_scheme.pdb_mon_id 
_pdbx_poly_seq_scheme.auth_mon_id 
_pdbx_poly_seq_scheme.pdb_strand_id 
_pdbx_poly_seq_scheme.pdb_ins_code 
_pdbx_poly_seq_scheme.hetero 
A 1 1   GLY 1   10  10  GLY GLY A . n 
A 1 2   GLU 2   11  11  GLU GLU A . n 
A 1 3   PHE 3   12  12  PHE PHE A . n 
A 1 4   SER 4   13  13  SER SER A . n 
A 1 5   VAL 5   14  14  VAL VAL A . n 
A 1 6   CYS 6   15  15  CYS CYS A . n 
A 1 7   ASP 7   16  16  ASP ASP A . n 
A 1 8   SER 8   17  17  SER SER A . n 
A 1 9   VAL 9   18  18  VAL VAL A . n 
A 1 10  SER 10  19  19  SER SER A . n 
A 1 11  VAL 11  20  20  VAL VAL A . n 
A 1 12  TRP 12  21  21  TRP TRP A . n 
A 1 13  VAL 13  22  22  VAL VAL A . n 
A 1 14  GLY 14  23  23  GLY GLY A . n 
A 1 15  ASP 15  24  24  ASP ASP A . n 
A 1 16  LYS 16  25  25  LYS LYS A . n 
A 1 17  THR 17  26  26  THR THR A . n 
A 1 18  THR 18  27  27  THR THR A . n 
A 1 19  ALA 19  28  28  ALA ALA A . n 
A 1 20  THR 20  29  29  THR THR A . n 
A 1 21  ASP 21  30  30  ASP ASP A . n 
A 1 22  ILE 22  31  31  ILE ILE A . n 
A 1 23  LYS 23  32  32  LYS LYS A . n 
A 1 24  GLY 24  33  33  GLY GLY A . n 
A 1 25  LYS 25  34  34  LYS LYS A . n 
A 1 26  GLU 26  35  35  GLU GLU A . n 
A 1 27  VAL 27  36  36  VAL VAL A . n 
A 1 28  THR 28  37  37  THR THR A . n 
A 1 29  VAL 29  38  38  VAL VAL A . n 
A 1 30  LEU 30  39  39  LEU LEU A . n 
A 1 31  ALA 31  40  40  ALA ALA A . n 
A 1 32  GLU 32  41  41  GLU GLU A . n 
A 1 33  VAL 33  42  42  VAL VAL A . n 
A 1 34  ASN 34  43  43  ASN ASN A . n 
A 1 35  ILE 35  44  44  ILE ILE A . n 
A 1 36  ASN 36  45  45  ASN ASN A . n 
A 1 37  ASN 37  46  46  ASN ASN A . n 
A 1 38  SER 38  47  47  SER SER A . n 
A 1 39  VAL 39  48  48  VAL VAL A . n 
A 1 40  PHE 40  49  49  PHE PHE A . n 
A 1 41  ARG 41  50  50  ARG ARG A . n 
A 1 42  GLN 42  51  51  GLN GLN A . n 
A 1 43  TYR 43  52  52  TYR TYR A . n 
A 1 44  PHE 44  53  53  PHE PHE A . n 
A 1 45  PHE 45  54  54  PHE PHE A . n 
A 1 46  GLU 46  55  55  GLU GLU A . n 
A 1 47  THR 47  56  56  THR THR A . n 
A 1 48  LYS 48  57  57  LYS LYS A . n 
A 1 49  CYS 49  58  58  CYS CYS A . n 
A 1 50  ARG 50  59  59  ARG ARG A . n 
A 1 51  ALA 51  60  60  ALA ALA A . n 
A 1 52  SER 52  61  61  SER SER A . n 
A 1 53  ASN 53  62  62  ASN ASN A . n 
A 1 54  PRO 54  63  63  PRO PRO A . n 
A 1 55  VAL 55  64  64  VAL VAL A . n 
A 1 56  GLU 56  65  65  GLU GLU A . n 
A 1 57  SER 57  66  66  SER SER A . n 
A 1 58  GLY 58  67  67  GLY GLY A . n 
A 1 59  CYS 59  68  68  CYS CYS A . n 
A 1 60  ARG 60  69  69  ARG ARG A . n 
A 1 61  GLY 61  70  70  GLY GLY A . n 
A 1 62  ILE 62  71  71  ILE ILE A . n 
A 1 63  ASP 63  72  72  ASP ASP A . n 
A 1 64  SER 64  73  73  SER SER A . n 
A 1 65  LYS 65  74  74  LYS LYS A . n 
A 1 66  HIS 66  75  75  HIS HIS A . n 
A 1 67  TRP 67  76  76  TRP TRP A . n 
A 1 68  ASN 68  77  77  ASN ASN A . n 
A 1 69  SER 69  78  78  SER SER A . n 
A 1 70  TYR 70  79  79  TYR TYR A . n 
A 1 71  CYS 71  80  80  CYS CYS A . n 
A 1 72  THR 72  81  81  THR THR A . n 
A 1 73  THR 73  82  82  THR THR A . n 
A 1 74  THR 74  83  83  THR THR A . n 
A 1 75  HIS 75  84  84  HIS HIS A . n 
A 1 76  THR 76  85  85  THR THR A . n 
A 1 77  PHE 77  86  86  PHE PHE A . n 
A 1 78  VAL 78  87  87  VAL VAL A . n 
A 1 79  LYS 79  88  88  LYS LYS A . n 
A 1 80  ALA 80  89  89  ALA ALA A . n 
A 1 81  LEU 81  90  90  LEU LEU A . n 
A 1 82  THR 82  91  91  THR THR A . n 
A 1 83  THR 83  92  92  THR THR A . n 
A 1 84  ASP 84  93  93  ASP ASP A . n 
A 1 85  GLU 85  94  94  GLU GLU A . n 
A 1 86  LYS 86  95  95  LYS LYS A . n 
A 1 87  GLN 87  96  96  GLN GLN A . n 
A 1 88  ALA 88  97  97  ALA ALA A . n 
A 1 89  ALA 89  98  98  ALA ALA A . n 
A 1 90  TRP 90  99  99  TRP TRP A . n 
A 1 91  ARG 91  100 100 ARG ARG A . n 
A 1 92  PHE 92  101 101 PHE PHE A . n 
A 1 93  ILE 93  102 102 ILE ILE A . n 
A 1 94  ARG 94  103 103 ARG ARG A . n 
A 1 95  ILE 95  104 104 ILE ILE A . n 
A 1 96  ASP 96  105 105 ASP ASP A . n 
A 1 97  THR 97  106 106 THR THR A . n 
A 1 98  ALA 98  107 107 ALA ALA A . n 
A 1 99  CYS 99  108 108 CYS CYS A . n 
A 1 100 VAL 100 109 109 VAL VAL A . n 
A 1 101 CYS 101 110 110 CYS CYS A . n 
A 1 102 VAL 102 111 111 VAL VAL A . n 
A 1 103 LEU 103 112 112 LEU LEU A . n 
A 1 104 SER 104 113 113 SER SER A . n 
A 1 105 ARG 105 114 114 ARG ARG A . n 
A 1 106 LYS 106 115 115 LYS LYS A . n 
A 1 107 ALA 107 116 116 ALA ALA A . n 
# 
loop_
_pdbx_nonpoly_scheme.asym_id 
_pdbx_nonpoly_scheme.entity_id 
_pdbx_nonpoly_scheme.mon_id 
_pdbx_nonpoly_scheme.ndb_seq_num 
_pdbx_nonpoly_scheme.pdb_seq_num 
_pdbx_nonpoly_scheme.auth_seq_num 
_pdbx_nonpoly_scheme.pdb_mon_id 
_pdbx_nonpoly_scheme.auth_mon_id 
_pdbx_nonpoly_scheme.pdb_strand_id 
_pdbx_nonpoly_scheme.pdb_ins_code 
B 2 HOH 1  117 1  HOH HOH A . 
B 2 HOH 2  118 2  HOH HOH A . 
B 2 HOH 3  119 3  HOH HOH A . 
B 2 HOH 4  120 5  HOH HOH A . 
B 2 HOH 5  121 6  HOH HOH A . 
B 2 HOH 6  122 8  HOH HOH A . 
B 2 HOH 7  123 10 HOH HOH A . 
B 2 HOH 8  124 11 HOH HOH A . 
B 2 HOH 9  125 13 HOH HOH A . 
B 2 HOH 10 126 14 HOH HOH A . 
B 2 HOH 11 127 15 HOH HOH A . 
B 2 HOH 12 128 20 HOH HOH A . 
B 2 HOH 13 129 21 HOH HOH A . 
B 2 HOH 14 130 22 HOH HOH A . 
B 2 HOH 15 131 23 HOH HOH A . 
B 2 HOH 16 132 30 HOH HOH A . 
B 2 HOH 17 133 31 HOH HOH A . 
B 2 HOH 18 134 32 HOH HOH A . 
B 2 HOH 19 135 33 HOH HOH A . 
B 2 HOH 20 136 34 HOH HOH A . 
B 2 HOH 21 137 36 HOH HOH A . 
B 2 HOH 22 138 37 HOH HOH A . 
B 2 HOH 23 139 38 HOH HOH A . 
B 2 HOH 24 140 39 HOH HOH A . 
B 2 HOH 25 141 40 HOH HOH A . 
B 2 HOH 26 142 41 HOH HOH A . 
B 2 HOH 27 143 42 HOH HOH A . 
B 2 HOH 28 144 43 HOH HOH A . 
B 2 HOH 29 145 44 HOH HOH A . 
B 2 HOH 30 146 45 HOH HOH A . 
B 2 HOH 31 147 46 HOH HOH A . 
B 2 HOH 32 148 47 HOH HOH A . 
# 
loop_
_software.name 
_software.classification 
_software.version 
_software.citation_id 
_software.pdbx_ordinal 
X-PLOR   'model building' . ? 1 
RESTRAIN refinement       . ? 2 
X-PLOR   refinement       . ? 3 
X-PLOR   phasing          . ? 4 
# 
_cell.entry_id           1BET 
_cell.length_a           56.480 
_cell.length_b           56.480 
_cell.length_c           182.390 
_cell.angle_alpha        90.00 
_cell.angle_beta         90.00 
_cell.angle_gamma        120.00 
_cell.Z_PDB              12 
_cell.pdbx_unique_axis   ? 
# 
_symmetry.entry_id                         1BET 
_symmetry.space_group_name_H-M             'P 65 2 2' 
_symmetry.pdbx_full_space_group_name_H-M   ? 
_symmetry.cell_setting                     ? 
_symmetry.Int_Tables_number                179 
# 
_exptl.entry_id          1BET 
_exptl.method            'X-RAY DIFFRACTION' 
_exptl.crystals_number   ? 
# 
_exptl_crystal.id                    1 
_exptl_crystal.density_meas          ? 
_exptl_crystal.density_Matthews      3.50 
_exptl_crystal.density_percent_sol   64.87 
_exptl_crystal.description           ? 
# 
_diffrn.id                     1 
_diffrn.crystal_id             1 
_diffrn.ambient_temp           ? 
_diffrn.ambient_temp_details   ? 
# 
_refine.entry_id                                 1BET 
_refine.ls_number_reflns_obs                     ? 
_refine.ls_number_reflns_all                     ? 
_refine.pdbx_ls_sigma_I                          ? 
_refine.pdbx_ls_sigma_F                          ? 
_refine.pdbx_data_cutoff_high_absF               ? 
_refine.pdbx_data_cutoff_low_absF                ? 
_refine.pdbx_data_cutoff_high_rms_absF           ? 
_refine.ls_d_res_low                             8. 
_refine.ls_d_res_high                            2.3 
_refine.ls_percent_reflns_obs                    ? 
_refine.ls_R_factor_obs                          0.22 
_refine.ls_R_factor_all                          ? 
_refine.ls_R_factor_R_work                       0.22 
_refine.ls_R_factor_R_free                       ? 
_refine.ls_R_factor_R_free_error                 ? 
_refine.ls_R_factor_R_free_error_details         ? 
_refine.ls_percent_reflns_R_free                 ? 
_refine.ls_number_reflns_R_free                  ? 
_refine.ls_number_parameters                     ? 
_refine.ls_number_restraints                     ? 
_refine.occupancy_min                            ? 
_refine.occupancy_max                            ? 
_refine.B_iso_mean                               ? 
_refine.aniso_B[1][1]                            ? 
_refine.aniso_B[2][2]                            ? 
_refine.aniso_B[3][3]                            ? 
_refine.aniso_B[1][2]                            ? 
_refine.aniso_B[1][3]                            ? 
_refine.aniso_B[2][3]                            ? 
_refine.solvent_model_details                    ? 
_refine.solvent_model_param_ksol                 ? 
_refine.solvent_model_param_bsol                 ? 
_refine.pdbx_ls_cross_valid_method               ? 
_refine.details                                  
;THERE IS VERY POOR ELECTRON DENSITY FOR THE ASN 43 - SER 47
LOOP.  THERE IS NO FITTABLE DENSITY FOR RESIDUES 1 - 9 OR
FOR THE C-TERMINUS.
;
_refine.pdbx_starting_model                      ? 
_refine.pdbx_method_to_determine_struct          ? 
_refine.pdbx_isotropic_thermal_model             ? 
_refine.pdbx_stereochemistry_target_values       ? 
_refine.pdbx_stereochem_target_val_spec_case     ? 
_refine.pdbx_R_Free_selection_details            ? 
_refine.pdbx_overall_ESU_R                       ? 
_refine.pdbx_overall_ESU_R_Free                  ? 
_refine.overall_SU_ML                            ? 
_refine.overall_SU_B                             ? 
_refine.pdbx_refine_id                           'X-RAY DIFFRACTION' 
_refine.pdbx_diffrn_id                           1 
_refine.pdbx_TLS_residual_ADP_flag               ? 
_refine.correlation_coeff_Fo_to_Fc               ? 
_refine.correlation_coeff_Fo_to_Fc_free          ? 
_refine.pdbx_solvent_vdw_probe_radii             ? 
_refine.pdbx_solvent_ion_probe_radii             ? 
_refine.pdbx_solvent_shrinkage_radii             ? 
_refine.pdbx_overall_phase_error                 ? 
_refine.overall_SU_R_Cruickshank_DPI             ? 
_refine.pdbx_overall_SU_R_free_Cruickshank_DPI   ? 
_refine.pdbx_overall_SU_R_Blow_DPI               ? 
_refine.pdbx_overall_SU_R_free_Blow_DPI          ? 
# 
_refine_hist.pdbx_refine_id                   'X-RAY DIFFRACTION' 
_refine_hist.cycle_id                         LAST 
_refine_hist.pdbx_number_atoms_protein        840 
_refine_hist.pdbx_number_atoms_nucleic_acid   0 
_refine_hist.pdbx_number_atoms_ligand         0 
_refine_hist.number_atoms_solvent             32 
_refine_hist.number_atoms_total               872 
_refine_hist.d_res_high                       2.3 
_refine_hist.d_res_low                        8. 
# 
_struct.entry_id                  1BET 
_struct.title                     'NEW PROTEIN FOLD REVEALED BY A 2.3 ANGSTROM RESOLUTION CRYSTAL STRUCTURE OF NERVE GROWTH FACTOR' 
_struct.pdbx_model_details        ? 
_struct.pdbx_CASP_flag            ? 
_struct.pdbx_model_type_details   ? 
# 
_struct_keywords.entry_id        1BET 
_struct_keywords.pdbx_keywords   'GROWTH FACTOR' 
_struct_keywords.text            'GROWTH FACTOR' 
# 
loop_
_struct_asym.id 
_struct_asym.pdbx_blank_PDB_chainid_flag 
_struct_asym.pdbx_modified 
_struct_asym.entity_id 
_struct_asym.details 
A N N 1 ? 
B N N 2 ? 
# 
_struct_ref.id                         1 
_struct_ref.db_name                    UNP 
_struct_ref.db_code                    NGF_MOUSE 
_struct_ref.entity_id                  1 
_struct_ref.pdbx_db_accession          P01139 
_struct_ref.pdbx_align_begin           1 
_struct_ref.pdbx_seq_one_letter_code   
;MSMLFYTLITAFLIGVQAEPYTDSNVPEGDSVPEAHWTKLQHSLDTALRRARSAPTAPIAARVTGQTRNITVDPRLFKKR
RLHSPRVLFSTQPPPTSSDTLDLDFQAHGTIPFNRTHRSKRSSTHPVFHMGEFSVCDSVSVWVGDKTTATDIKGKEVTVL
AEVNINNSVFRQYFFETKCRASNPVESGCRGIDSKHWNSYCTTTHTFVKALTTDEKQAAWRFIRIDTACVCVLSRKATRR
G
;
_struct_ref.pdbx_db_isoform            ? 
# 
_struct_ref_seq.align_id                      1 
_struct_ref_seq.ref_id                        1 
_struct_ref_seq.pdbx_PDB_id_code              1BET 
_struct_ref_seq.pdbx_strand_id                A 
_struct_ref_seq.seq_align_beg                 1 
_struct_ref_seq.pdbx_seq_align_beg_ins_code   ? 
_struct_ref_seq.seq_align_end                 107 
_struct_ref_seq.pdbx_seq_align_end_ins_code   ? 
_struct_ref_seq.pdbx_db_accession             P01139 
_struct_ref_seq.db_align_beg                  131 
_struct_ref_seq.pdbx_db_align_beg_ins_code    ? 
_struct_ref_seq.db_align_end                  237 
_struct_ref_seq.pdbx_db_align_end_ins_code    ? 
_struct_ref_seq.pdbx_auth_seq_align_beg       10 
_struct_ref_seq.pdbx_auth_seq_align_end       116 
# 
_pdbx_struct_assembly.id                   1 
_pdbx_struct_assembly.details              author_and_software_defined_assembly 
_pdbx_struct_assembly.method_details       PISA,PQS 
_pdbx_struct_assembly.oligomeric_details   dimeric 
_pdbx_struct_assembly.oligomeric_count     2 
# 
loop_
_pdbx_struct_assembly_prop.biol_id 
_pdbx_struct_assembly_prop.type 
_pdbx_struct_assembly_prop.value 
_pdbx_struct_assembly_prop.details 
1 'ABSA (A^2)' 2740  ? 
1 MORE         -22   ? 
1 'SSA (A^2)'  11610 ? 
# 
_pdbx_struct_assembly_gen.assembly_id       1 
_pdbx_struct_assembly_gen.oper_expression   1,2 
_pdbx_struct_assembly_gen.asym_id_list      A,B 
# 
loop_
_pdbx_struct_oper_list.id 
_pdbx_struct_oper_list.type 
_pdbx_struct_oper_list.name 
_pdbx_struct_oper_list.symmetry_operation 
_pdbx_struct_oper_list.matrix[1][1] 
_pdbx_struct_oper_list.matrix[1][2] 
_pdbx_struct_oper_list.matrix[1][3] 
_pdbx_struct_oper_list.vector[1] 
_pdbx_struct_oper_list.matrix[2][1] 
_pdbx_struct_oper_list.matrix[2][2] 
_pdbx_struct_oper_list.matrix[2][3] 
_pdbx_struct_oper_list.vector[2] 
_pdbx_struct_oper_list.matrix[3][1] 
_pdbx_struct_oper_list.matrix[3][2] 
_pdbx_struct_oper_list.matrix[3][3] 
_pdbx_struct_oper_list.vector[3] 
1 'identity operation'         1_555  x,y,z            1.0000000000 0.0000000000 0.0000000000  0.0000000000  0.0000000000 1.0000000000  0.0000000000  0.0000000000  0.0000000000  0.0000000000  1.0000000000  0.0000000000  
2 'crystal symmetry operation' 10_665 -y+1,-x+1,-z+1/6 0.6651878766 0.7463715177 -0.0213224382 -5.5494440555 0.7463715177 -0.6654609067 -0.0095571562 12.2250923162 -0.0213224382 -0.0095571562 -0.9997269699 -5.4593314048 
# 
_struct_biol.id   1 
# 
loop_
_struct_conn.id 
_struct_conn.conn_type_id 
_struct_conn.pdbx_leaving_atom_flag 
_struct_conn.pdbx_PDB_id 
_struct_conn.ptnr1_label_asym_id 
_struct_conn.ptnr1_label_comp_id 
_struct_conn.ptnr1_label_seq_id 
_struct_conn.ptnr1_label_atom_id 
_struct_conn.pdbx_ptnr1_label_alt_id 
_struct_conn.pdbx_ptnr1_PDB_ins_code 
_struct_conn.pdbx_ptnr1_standard_comp_id 
_struct_conn.ptnr1_symmetry 
_struct_conn.ptnr2_label_asym_id 
_struct_conn.ptnr2_label_comp_id 
_struct_conn.ptnr2_label_seq_id 
_struct_conn.ptnr2_label_atom_id 
_struct_conn.pdbx_ptnr2_label_alt_id 
_struct_conn.pdbx_ptnr2_PDB_ins_code 
_struct_conn.ptnr1_auth_asym_id 
_struct_conn.ptnr1_auth_comp_id 
_struct_conn.ptnr1_auth_seq_id 
_struct_conn.ptnr2_auth_asym_id 
_struct_conn.ptnr2_auth_comp_id 
_struct_conn.ptnr2_auth_seq_id 
_struct_conn.ptnr2_symmetry 
_struct_conn.pdbx_ptnr3_label_atom_id 
_struct_conn.pdbx_ptnr3_label_seq_id 
_struct_conn.pdbx_ptnr3_label_comp_id 
_struct_conn.pdbx_ptnr3_label_asym_id 
_struct_conn.pdbx_ptnr3_label_alt_id 
_struct_conn.pdbx_ptnr3_PDB_ins_code 
_struct_conn.details 
_struct_conn.pdbx_dist_value 
_struct_conn.pdbx_value_order 
_struct_conn.pdbx_role 
disulf1 disulf ? ? A CYS 6  SG ? ? ? 1_555 A CYS 71  SG ? ? A CYS 15 A CYS 80  1_555 ? ? ? ? ? ? ? 1.998 ? ? 
disulf2 disulf ? ? A CYS 49 SG ? ? ? 1_555 A CYS 99  SG ? ? A CYS 58 A CYS 108 1_555 ? ? ? ? ? ? ? 2.016 ? ? 
disulf3 disulf ? ? A CYS 59 SG ? ? ? 1_555 A CYS 101 SG ? ? A CYS 68 A CYS 110 1_555 ? ? ? ? ? ? ? 2.012 ? ? 
# 
_struct_conn_type.id          disulf 
_struct_conn_type.criteria    ? 
_struct_conn_type.reference   ? 
# 
loop_
_pdbx_modification_feature.ordinal 
_pdbx_modification_feature.label_comp_id 
_pdbx_modification_feature.label_asym_id 
_pdbx_modification_feature.label_seq_id 
_pdbx_modification_feature.label_alt_id 
_pdbx_modification_feature.modified_residue_label_comp_id 
_pdbx_modification_feature.modified_residue_label_asym_id 
_pdbx_modification_feature.modified_residue_label_seq_id 
_pdbx_modification_feature.modified_residue_label_alt_id 
_pdbx_modification_feature.auth_comp_id 
_pdbx_modification_feature.auth_asym_id 
_pdbx_modification_feature.auth_seq_id 
_pdbx_modification_feature.PDB_ins_code 
_pdbx_modification_feature.symmetry 
_pdbx_modification_feature.modified_residue_auth_comp_id 
_pdbx_modification_feature.modified_residue_auth_asym_id 
_pdbx_modification_feature.modified_residue_auth_seq_id 
_pdbx_modification_feature.modified_residue_PDB_ins_code 
_pdbx_modification_feature.modified_residue_symmetry 
_pdbx_modification_feature.comp_id_linking_atom 
_pdbx_modification_feature.modified_residue_id_linking_atom 
_pdbx_modification_feature.modified_residue_id 
_pdbx_modification_feature.ref_pcm_id 
_pdbx_modification_feature.ref_comp_id 
_pdbx_modification_feature.type 
_pdbx_modification_feature.category 
1 CYS A 6  ? CYS A 71  ? CYS A 15 ? 1_555 CYS A 80  ? 1_555 SG SG . . . None 'Disulfide bridge' 
2 CYS A 49 ? CYS A 99  ? CYS A 58 ? 1_555 CYS A 108 ? 1_555 SG SG . . . None 'Disulfide bridge' 
3 CYS A 59 ? CYS A 101 ? CYS A 68 ? 1_555 CYS A 110 ? 1_555 SG SG . . . None 'Disulfide bridge' 
# 
loop_
_struct_sheet.id 
_struct_sheet.type 
_struct_sheet.number_strands 
_struct_sheet.details 
1 ? 2 ? 
2 ? 2 ? 
3 ? 2 ? 
# 
loop_
_struct_sheet_order.sheet_id 
_struct_sheet_order.range_id_1 
_struct_sheet_order.range_id_2 
_struct_sheet_order.offset 
_struct_sheet_order.sense 
1 1 2 ? anti-parallel 
2 1 2 ? anti-parallel 
3 1 2 ? anti-parallel 
# 
loop_
_struct_sheet_range.sheet_id 
_struct_sheet_range.id 
_struct_sheet_range.beg_label_comp_id 
_struct_sheet_range.beg_label_asym_id 
_struct_sheet_range.beg_label_seq_id 
_struct_sheet_range.pdbx_beg_PDB_ins_code 
_struct_sheet_range.end_label_comp_id 
_struct_sheet_range.end_label_asym_id 
_struct_sheet_range.end_label_seq_id 
_struct_sheet_range.pdbx_end_PDB_ins_code 
_struct_sheet_range.beg_auth_comp_id 
_struct_sheet_range.beg_auth_asym_id 
_struct_sheet_range.beg_auth_seq_id 
_struct_sheet_range.end_auth_comp_id 
_struct_sheet_range.end_auth_asym_id 
_struct_sheet_range.end_auth_seq_id 
1 1 ASP A 7  ? VAL A 13  ? ASP A 16 VAL A 22  
1 2 PHE A 44 ? ARG A 50  ? PHE A 53 ARG A 59  
2 1 THR A 17 ? THR A 20  ? THR A 26 THR A 29  
2 2 LYS A 25 ? VAL A 29  ? LYS A 34 VAL A 38  
3 1 ASN A 68 ? ASP A 84  ? ASN A 77 ASP A 93  
3 2 ALA A 88 ? SER A 104 ? ALA A 97 SER A 113 
# 
_pdbx_entry_details.entry_id                   1BET 
_pdbx_entry_details.compound_details           ? 
_pdbx_entry_details.source_details             ? 
_pdbx_entry_details.nonpolymer_details         ? 
_pdbx_entry_details.sequence_details           ? 
_pdbx_entry_details.has_ligand_of_interest     ? 
_pdbx_entry_details.has_protein_modification   Y 
# 
loop_
_pdbx_validate_rmsd_bond.id 
_pdbx_validate_rmsd_bond.PDB_model_num 
_pdbx_validate_rmsd_bond.auth_atom_id_1 
_pdbx_validate_rmsd_bond.auth_asym_id_1 
_pdbx_validate_rmsd_bond.auth_comp_id_1 
_pdbx_validate_rmsd_bond.auth_seq_id_1 
_pdbx_validate_rmsd_bond.PDB_ins_code_1 
_pdbx_validate_rmsd_bond.label_alt_id_1 
_pdbx_validate_rmsd_bond.auth_atom_id_2 
_pdbx_validate_rmsd_bond.auth_asym_id_2 
_pdbx_validate_rmsd_bond.auth_comp_id_2 
_pdbx_validate_rmsd_bond.auth_seq_id_2 
_pdbx_validate_rmsd_bond.PDB_ins_code_2 
_pdbx_validate_rmsd_bond.label_alt_id_2 
_pdbx_validate_rmsd_bond.bond_value 
_pdbx_validate_rmsd_bond.bond_target_value 
_pdbx_validate_rmsd_bond.bond_deviation 
_pdbx_validate_rmsd_bond.bond_standard_deviation 
_pdbx_validate_rmsd_bond.linker_flag 
1 1 NE2 A HIS 75 ? ? CD2 A HIS 75 ? ? 1.302 1.373 -0.071 0.011 N 
2 1 NE2 A HIS 84 ? ? CD2 A HIS 84 ? ? 1.305 1.373 -0.068 0.011 N 
# 
loop_
_pdbx_validate_rmsd_angle.id 
_pdbx_validate_rmsd_angle.PDB_model_num 
_pdbx_validate_rmsd_angle.auth_atom_id_1 
_pdbx_validate_rmsd_angle.auth_asym_id_1 
_pdbx_validate_rmsd_angle.auth_comp_id_1 
_pdbx_validate_rmsd_angle.auth_seq_id_1 
_pdbx_validate_rmsd_angle.PDB_ins_code_1 
_pdbx_validate_rmsd_angle.label_alt_id_1 
_pdbx_validate_rmsd_angle.auth_atom_id_2 
_pdbx_validate_rmsd_angle.auth_asym_id_2 
_pdbx_validate_rmsd_angle.auth_comp_id_2 
_pdbx_validate_rmsd_angle.auth_seq_id_2 
_pdbx_validate_rmsd_angle.PDB_ins_code_2 
_pdbx_validate_rmsd_angle.label_alt_id_2 
_pdbx_validate_rmsd_angle.auth_atom_id_3 
_pdbx_validate_rmsd_angle.auth_asym_id_3 
_pdbx_validate_rmsd_angle.auth_comp_id_3 
_pdbx_validate_rmsd_angle.auth_seq_id_3 
_pdbx_validate_rmsd_angle.PDB_ins_code_3 
_pdbx_validate_rmsd_angle.label_alt_id_3 
_pdbx_validate_rmsd_angle.angle_value 
_pdbx_validate_rmsd_angle.angle_target_value 
_pdbx_validate_rmsd_angle.angle_deviation 
_pdbx_validate_rmsd_angle.angle_standard_deviation 
_pdbx_validate_rmsd_angle.linker_flag 
1  1 N   A SER 17  ? ? CA  A SER 17  ? ? CB  A SER 17  ? ? 100.52 110.50 -9.98  1.50 N 
2  1 CD1 A TRP 21  ? ? CG  A TRP 21  ? ? CD2 A TRP 21  ? ? 112.59 106.30 6.29   0.80 N 
3  1 CE2 A TRP 21  ? ? CD2 A TRP 21  ? ? CG  A TRP 21  ? ? 101.32 107.30 -5.98  0.80 N 
4  1 N   A VAL 36  ? ? CA  A VAL 36  ? ? CB  A VAL 36  ? ? 96.13  111.50 -15.37 2.20 N 
5  1 NE  A ARG 50  ? ? CZ  A ARG 50  ? ? NH1 A ARG 50  ? ? 123.74 120.30 3.44   0.50 N 
6  1 NE  A ARG 50  ? ? CZ  A ARG 50  ? ? NH2 A ARG 50  ? ? 115.55 120.30 -4.75  0.50 N 
7  1 NE  A ARG 59  ? ? CZ  A ARG 59  ? ? NH1 A ARG 59  ? ? 123.89 120.30 3.59   0.50 N 
8  1 CD1 A TRP 76  ? ? CG  A TRP 76  ? ? CD2 A TRP 76  ? ? 112.81 106.30 6.51   0.80 N 
9  1 CE2 A TRP 76  ? ? CD2 A TRP 76  ? ? CG  A TRP 76  ? ? 101.54 107.30 -5.76  0.80 N 
10 1 CD1 A TRP 99  ? ? CG  A TRP 99  ? ? CD2 A TRP 99  ? ? 114.02 106.30 7.72   0.80 N 
11 1 CE2 A TRP 99  ? ? CD2 A TRP 99  ? ? CG  A TRP 99  ? ? 101.44 107.30 -5.86  0.80 N 
12 1 NE  A ARG 100 ? ? CZ  A ARG 100 ? ? NH1 A ARG 100 ? ? 124.35 120.30 4.05   0.50 N 
13 1 NE  A ARG 103 ? ? CZ  A ARG 103 ? ? NH1 A ARG 103 ? ? 124.78 120.30 4.48   0.50 N 
# 
loop_
_pdbx_validate_torsion.id 
_pdbx_validate_torsion.PDB_model_num 
_pdbx_validate_torsion.auth_comp_id 
_pdbx_validate_torsion.auth_asym_id 
_pdbx_validate_torsion.auth_seq_id 
_pdbx_validate_torsion.PDB_ins_code 
_pdbx_validate_torsion.label_alt_id 
_pdbx_validate_torsion.phi 
_pdbx_validate_torsion.psi 
1 1 ASN A 45 ? ? 43.52 78.46 
2 1 ASN A 46 ? ? 54.78 13.03 
# 
loop_
_chem_comp_atom.comp_id 
_chem_comp_atom.atom_id 
_chem_comp_atom.type_symbol 
_chem_comp_atom.pdbx_aromatic_flag 
_chem_comp_atom.pdbx_stereo_config 
_chem_comp_atom.pdbx_ordinal 
ALA N    N N N 1   
ALA CA   C N S 2   
ALA C    C N N 3   
ALA O    O N N 4   
ALA CB   C N N 5   
ALA OXT  O N N 6   
ALA H    H N N 7   
ALA H2   H N N 8   
ALA HA   H N N 9   
ALA HB1  H N N 10  
ALA HB2  H N N 11  
ALA HB3  H N N 12  
ALA HXT  H N N 13  
ARG N    N N N 14  
ARG CA   C N S 15  
ARG C    C N N 16  
ARG O    O N N 17  
ARG CB   C N N 18  
ARG CG   C N N 19  
ARG CD   C N N 20  
ARG NE   N N N 21  
ARG CZ   C N N 22  
ARG NH1  N N N 23  
ARG NH2  N N N 24  
ARG OXT  O N N 25  
ARG H    H N N 26  
ARG H2   H N N 27  
ARG HA   H N N 28  
ARG HB2  H N N 29  
ARG HB3  H N N 30  
ARG HG2  H N N 31  
ARG HG3  H N N 32  
ARG HD2  H N N 33  
ARG HD3  H N N 34  
ARG HE   H N N 35  
ARG HH11 H N N 36  
ARG HH12 H N N 37  
ARG HH21 H N N 38  
ARG HH22 H N N 39  
ARG HXT  H N N 40  
ASN N    N N N 41  
ASN CA   C N S 42  
ASN C    C N N 43  
ASN O    O N N 44  
ASN CB   C N N 45  
ASN CG   C N N 46  
ASN OD1  O N N 47  
ASN ND2  N N N 48  
ASN OXT  O N N 49  
ASN H    H N N 50  
ASN H2   H N N 51  
ASN HA   H N N 52  
ASN HB2  H N N 53  
ASN HB3  H N N 54  
ASN HD21 H N N 55  
ASN HD22 H N N 56  
ASN HXT  H N N 57  
ASP N    N N N 58  
ASP CA   C N S 59  
ASP C    C N N 60  
ASP O    O N N 61  
ASP CB   C N N 62  
ASP CG   C N N 63  
ASP OD1  O N N 64  
ASP OD2  O N N 65  
ASP OXT  O N N 66  
ASP H    H N N 67  
ASP H2   H N N 68  
ASP HA   H N N 69  
ASP HB2  H N N 70  
ASP HB3  H N N 71  
ASP HD2  H N N 72  
ASP HXT  H N N 73  
CYS N    N N N 74  
CYS CA   C N R 75  
CYS C    C N N 76  
CYS O    O N N 77  
CYS CB   C N N 78  
CYS SG   S N N 79  
CYS OXT  O N N 80  
CYS H    H N N 81  
CYS H2   H N N 82  
CYS HA   H N N 83  
CYS HB2  H N N 84  
CYS HB3  H N N 85  
CYS HG   H N N 86  
CYS HXT  H N N 87  
GLN N    N N N 88  
GLN CA   C N S 89  
GLN C    C N N 90  
GLN O    O N N 91  
GLN CB   C N N 92  
GLN CG   C N N 93  
GLN CD   C N N 94  
GLN OE1  O N N 95  
GLN NE2  N N N 96  
GLN OXT  O N N 97  
GLN H    H N N 98  
GLN H2   H N N 99  
GLN HA   H N N 100 
GLN HB2  H N N 101 
GLN HB3  H N N 102 
GLN HG2  H N N 103 
GLN HG3  H N N 104 
GLN HE21 H N N 105 
GLN HE22 H N N 106 
GLN HXT  H N N 107 
GLU N    N N N 108 
GLU CA   C N S 109 
GLU C    C N N 110 
GLU O    O N N 111 
GLU CB   C N N 112 
GLU CG   C N N 113 
GLU CD   C N N 114 
GLU OE1  O N N 115 
GLU OE2  O N N 116 
GLU OXT  O N N 117 
GLU H    H N N 118 
GLU H2   H N N 119 
GLU HA   H N N 120 
GLU HB2  H N N 121 
GLU HB3  H N N 122 
GLU HG2  H N N 123 
GLU HG3  H N N 124 
GLU HE2  H N N 125 
GLU HXT  H N N 126 
GLY N    N N N 127 
GLY CA   C N N 128 
GLY C    C N N 129 
GLY O    O N N 130 
GLY OXT  O N N 131 
GLY H    H N N 132 
GLY H2   H N N 133 
GLY HA2  H N N 134 
GLY HA3  H N N 135 
GLY HXT  H N N 136 
HIS N    N N N 137 
HIS CA   C N S 138 
HIS C    C N N 139 
HIS O    O N N 140 
HIS CB   C N N 141 
HIS CG   C Y N 142 
HIS ND1  N Y N 143 
HIS CD2  C Y N 144 
HIS CE1  C Y N 145 
HIS NE2  N Y N 146 
HIS OXT  O N N 147 
HIS H    H N N 148 
HIS H2   H N N 149 
HIS HA   H N N 150 
HIS HB2  H N N 151 
HIS HB3  H N N 152 
HIS HD1  H N N 153 
HIS HD2  H N N 154 
HIS HE1  H N N 155 
HIS HE2  H N N 156 
HIS HXT  H N N 157 
HOH O    O N N 158 
HOH H1   H N N 159 
HOH H2   H N N 160 
ILE N    N N N 161 
ILE CA   C N S 162 
ILE C    C N N 163 
ILE O    O N N 164 
ILE CB   C N S 165 
ILE CG1  C N N 166 
ILE CG2  C N N 167 
ILE CD1  C N N 168 
ILE OXT  O N N 169 
ILE H    H N N 170 
ILE H2   H N N 171 
ILE HA   H N N 172 
ILE HB   H N N 173 
ILE HG12 H N N 174 
ILE HG13 H N N 175 
ILE HG21 H N N 176 
ILE HG22 H N N 177 
ILE HG23 H N N 178 
ILE HD11 H N N 179 
ILE HD12 H N N 180 
ILE HD13 H N N 181 
ILE HXT  H N N 182 
LEU N    N N N 183 
LEU CA   C N S 184 
LEU C    C N N 185 
LEU O    O N N 186 
LEU CB   C N N 187 
LEU CG   C N N 188 
LEU CD1  C N N 189 
LEU CD2  C N N 190 
LEU OXT  O N N 191 
LEU H    H N N 192 
LEU H2   H N N 193 
LEU HA   H N N 194 
LEU HB2  H N N 195 
LEU HB3  H N N 196 
LEU HG   H N N 197 
LEU HD11 H N N 198 
LEU HD12 H N N 199 
LEU HD13 H N N 200 
LEU HD21 H N N 201 
LEU HD22 H N N 202 
LEU HD23 H N N 203 
LEU HXT  H N N 204 
LYS N    N N N 205 
LYS CA   C N S 206 
LYS C    C N N 207 
LYS O    O N N 208 
LYS CB   C N N 209 
LYS CG   C N N 210 
LYS CD   C N N 211 
LYS CE   C N N 212 
LYS NZ   N N N 213 
LYS OXT  O N N 214 
LYS H    H N N 215 
LYS H2   H N N 216 
LYS HA   H N N 217 
LYS HB2  H N N 218 
LYS HB3  H N N 219 
LYS HG2  H N N 220 
LYS HG3  H N N 221 
LYS HD2  H N N 222 
LYS HD3  H N N 223 
LYS HE2  H N N 224 
LYS HE3  H N N 225 
LYS HZ1  H N N 226 
LYS HZ2  H N N 227 
LYS HZ3  H N N 228 
LYS HXT  H N N 229 
PHE N    N N N 230 
PHE CA   C N S 231 
PHE C    C N N 232 
PHE O    O N N 233 
PHE CB   C N N 234 
PHE CG   C Y N 235 
PHE CD1  C Y N 236 
PHE CD2  C Y N 237 
PHE CE1  C Y N 238 
PHE CE2  C Y N 239 
PHE CZ   C Y N 240 
PHE OXT  O N N 241 
PHE H    H N N 242 
PHE H2   H N N 243 
PHE HA   H N N 244 
PHE HB2  H N N 245 
PHE HB3  H N N 246 
PHE HD1  H N N 247 
PHE HD2  H N N 248 
PHE HE1  H N N 249 
PHE HE2  H N N 250 
PHE HZ   H N N 251 
PHE HXT  H N N 252 
PRO N    N N N 253 
PRO CA   C N S 254 
PRO C    C N N 255 
PRO O    O N N 256 
PRO CB   C N N 257 
PRO CG   C N N 258 
PRO CD   C N N 259 
PRO OXT  O N N 260 
PRO H    H N N 261 
PRO HA   H N N 262 
PRO HB2  H N N 263 
PRO HB3  H N N 264 
PRO HG2  H N N 265 
PRO HG3  H N N 266 
PRO HD2  H N N 267 
PRO HD3  H N N 268 
PRO HXT  H N N 269 
SER N    N N N 270 
SER CA   C N S 271 
SER C    C N N 272 
SER O    O N N 273 
SER CB   C N N 274 
SER OG   O N N 275 
SER OXT  O N N 276 
SER H    H N N 277 
SER H2   H N N 278 
SER HA   H N N 279 
SER HB2  H N N 280 
SER HB3  H N N 281 
SER HG   H N N 282 
SER HXT  H N N 283 
THR N    N N N 284 
THR CA   C N S 285 
THR C    C N N 286 
THR O    O N N 287 
THR CB   C N R 288 
THR OG1  O N N 289 
THR CG2  C N N 290 
THR OXT  O N N 291 
THR H    H N N 292 
THR H2   H N N 293 
THR HA   H N N 294 
THR HB   H N N 295 
THR HG1  H N N 296 
THR HG21 H N N 297 
THR HG22 H N N 298 
THR HG23 H N N 299 
THR HXT  H N N 300 
TRP N    N N N 301 
TRP CA   C N S 302 
TRP C    C N N 303 
TRP O    O N N 304 
TRP CB   C N N 305 
TRP CG   C Y N 306 
TRP CD1  C Y N 307 
TRP CD2  C Y N 308 
TRP NE1  N Y N 309 
TRP CE2  C Y N 310 
TRP CE3  C Y N 311 
TRP CZ2  C Y N 312 
TRP CZ3  C Y N 313 
TRP CH2  C Y N 314 
TRP OXT  O N N 315 
TRP H    H N N 316 
TRP H2   H N N 317 
TRP HA   H N N 318 
TRP HB2  H N N 319 
TRP HB3  H N N 320 
TRP HD1  H N N 321 
TRP HE1  H N N 322 
TRP HE3  H N N 323 
TRP HZ2  H N N 324 
TRP HZ3  H N N 325 
TRP HH2  H N N 326 
TRP HXT  H N N 327 
TYR N    N N N 328 
TYR CA   C N S 329 
TYR C    C N N 330 
TYR O    O N N 331 
TYR CB   C N N 332 
TYR CG   C Y N 333 
TYR CD1  C Y N 334 
TYR CD2  C Y N 335 
TYR CE1  C Y N 336 
TYR CE2  C Y N 337 
TYR CZ   C Y N 338 
TYR OH   O N N 339 
TYR OXT  O N N 340 
TYR H    H N N 341 
TYR H2   H N N 342 
TYR HA   H N N 343 
TYR HB2  H N N 344 
TYR HB3  H N N 345 
TYR HD1  H N N 346 
TYR HD2  H N N 347 
TYR HE1  H N N 348 
TYR HE2  H N N 349 
TYR HH   H N N 350 
TYR HXT  H N N 351 
VAL N    N N N 352 
VAL CA   C N S 353 
VAL C    C N N 354 
VAL O    O N N 355 
VAL CB   C N N 356 
VAL CG1  C N N 357 
VAL CG2  C N N 358 
VAL OXT  O N N 359 
VAL H    H N N 360 
VAL H2   H N N 361 
VAL HA   H N N 362 
VAL HB   H N N 363 
VAL HG11 H N N 364 
VAL HG12 H N N 365 
VAL HG13 H N N 366 
VAL HG21 H N N 367 
VAL HG22 H N N 368 
VAL HG23 H N N 369 
VAL HXT  H N N 370 
# 
loop_
_chem_comp_bond.comp_id 
_chem_comp_bond.atom_id_1 
_chem_comp_bond.atom_id_2 
_chem_comp_bond.value_order 
_chem_comp_bond.pdbx_aromatic_flag 
_chem_comp_bond.pdbx_stereo_config 
_chem_comp_bond.pdbx_ordinal 
ALA N   CA   sing N N 1   
ALA N   H    sing N N 2   
ALA N   H2   sing N N 3   
ALA CA  C    sing N N 4   
ALA CA  CB   sing N N 5   
ALA CA  HA   sing N N 6   
ALA C   O    doub N N 7   
ALA C   OXT  sing N N 8   
ALA CB  HB1  sing N N 9   
ALA CB  HB2  sing N N 10  
ALA CB  HB3  sing N N 11  
ALA OXT HXT  sing N N 12  
ARG N   CA   sing N N 13  
ARG N   H    sing N N 14  
ARG N   H2   sing N N 15  
ARG CA  C    sing N N 16  
ARG CA  CB   sing N N 17  
ARG CA  HA   sing N N 18  
ARG C   O    doub N N 19  
ARG C   OXT  sing N N 20  
ARG CB  CG   sing N N 21  
ARG CB  HB2  sing N N 22  
ARG CB  HB3  sing N N 23  
ARG CG  CD   sing N N 24  
ARG CG  HG2  sing N N 25  
ARG CG  HG3  sing N N 26  
ARG CD  NE   sing N N 27  
ARG CD  HD2  sing N N 28  
ARG CD  HD3  sing N N 29  
ARG NE  CZ   sing N N 30  
ARG NE  HE   sing N N 31  
ARG CZ  NH1  sing N N 32  
ARG CZ  NH2  doub N N 33  
ARG NH1 HH11 sing N N 34  
ARG NH1 HH12 sing N N 35  
ARG NH2 HH21 sing N N 36  
ARG NH2 HH22 sing N N 37  
ARG OXT HXT  sing N N 38  
ASN N   CA   sing N N 39  
ASN N   H    sing N N 40  
ASN N   H2   sing N N 41  
ASN CA  C    sing N N 42  
ASN CA  CB   sing N N 43  
ASN CA  HA   sing N N 44  
ASN C   O    doub N N 45  
ASN C   OXT  sing N N 46  
ASN CB  CG   sing N N 47  
ASN CB  HB2  sing N N 48  
ASN CB  HB3  sing N N 49  
ASN CG  OD1  doub N N 50  
ASN CG  ND2  sing N N 51  
ASN ND2 HD21 sing N N 52  
ASN ND2 HD22 sing N N 53  
ASN OXT HXT  sing N N 54  
ASP N   CA   sing N N 55  
ASP N   H    sing N N 56  
ASP N   H2   sing N N 57  
ASP CA  C    sing N N 58  
ASP CA  CB   sing N N 59  
ASP CA  HA   sing N N 60  
ASP C   O    doub N N 61  
ASP C   OXT  sing N N 62  
ASP CB  CG   sing N N 63  
ASP CB  HB2  sing N N 64  
ASP CB  HB3  sing N N 65  
ASP CG  OD1  doub N N 66  
ASP CG  OD2  sing N N 67  
ASP OD2 HD2  sing N N 68  
ASP OXT HXT  sing N N 69  
CYS N   CA   sing N N 70  
CYS N   H    sing N N 71  
CYS N   H2   sing N N 72  
CYS CA  C    sing N N 73  
CYS CA  CB   sing N N 74  
CYS CA  HA   sing N N 75  
CYS C   O    doub N N 76  
CYS C   OXT  sing N N 77  
CYS CB  SG   sing N N 78  
CYS CB  HB2  sing N N 79  
CYS CB  HB3  sing N N 80  
CYS SG  HG   sing N N 81  
CYS OXT HXT  sing N N 82  
GLN N   CA   sing N N 83  
GLN N   H    sing N N 84  
GLN N   H2   sing N N 85  
GLN CA  C    sing N N 86  
GLN CA  CB   sing N N 87  
GLN CA  HA   sing N N 88  
GLN C   O    doub N N 89  
GLN C   OXT  sing N N 90  
GLN CB  CG   sing N N 91  
GLN CB  HB2  sing N N 92  
GLN CB  HB3  sing N N 93  
GLN CG  CD   sing N N 94  
GLN CG  HG2  sing N N 95  
GLN CG  HG3  sing N N 96  
GLN CD  OE1  doub N N 97  
GLN CD  NE2  sing N N 98  
GLN NE2 HE21 sing N N 99  
GLN NE2 HE22 sing N N 100 
GLN OXT HXT  sing N N 101 
GLU N   CA   sing N N 102 
GLU N   H    sing N N 103 
GLU N   H2   sing N N 104 
GLU CA  C    sing N N 105 
GLU CA  CB   sing N N 106 
GLU CA  HA   sing N N 107 
GLU C   O    doub N N 108 
GLU C   OXT  sing N N 109 
GLU CB  CG   sing N N 110 
GLU CB  HB2  sing N N 111 
GLU CB  HB3  sing N N 112 
GLU CG  CD   sing N N 113 
GLU CG  HG2  sing N N 114 
GLU CG  HG3  sing N N 115 
GLU CD  OE1  doub N N 116 
GLU CD  OE2  sing N N 117 
GLU OE2 HE2  sing N N 118 
GLU OXT HXT  sing N N 119 
GLY N   CA   sing N N 120 
GLY N   H    sing N N 121 
GLY N   H2   sing N N 122 
GLY CA  C    sing N N 123 
GLY CA  HA2  sing N N 124 
GLY CA  HA3  sing N N 125 
GLY C   O    doub N N 126 
GLY C   OXT  sing N N 127 
GLY OXT HXT  sing N N 128 
HIS N   CA   sing N N 129 
HIS N   H    sing N N 130 
HIS N   H2   sing N N 131 
HIS CA  C    sing N N 132 
HIS CA  CB   sing N N 133 
HIS CA  HA   sing N N 134 
HIS C   O    doub N N 135 
HIS C   OXT  sing N N 136 
HIS CB  CG   sing N N 137 
HIS CB  HB2  sing N N 138 
HIS CB  HB3  sing N N 139 
HIS CG  ND1  sing Y N 140 
HIS CG  CD2  doub Y N 141 
HIS ND1 CE1  doub Y N 142 
HIS ND1 HD1  sing N N 143 
HIS CD2 NE2  sing Y N 144 
HIS CD2 HD2  sing N N 145 
HIS CE1 NE2  sing Y N 146 
HIS CE1 HE1  sing N N 147 
HIS NE2 HE2  sing N N 148 
HIS OXT HXT  sing N N 149 
HOH O   H1   sing N N 150 
HOH O   H2   sing N N 151 
ILE N   CA   sing N N 152 
ILE N   H    sing N N 153 
ILE N   H2   sing N N 154 
ILE CA  C    sing N N 155 
ILE CA  CB   sing N N 156 
ILE CA  HA   sing N N 157 
ILE C   O    doub N N 158 
ILE C   OXT  sing N N 159 
ILE CB  CG1  sing N N 160 
ILE CB  CG2  sing N N 161 
ILE CB  HB   sing N N 162 
ILE CG1 CD1  sing N N 163 
ILE CG1 HG12 sing N N 164 
ILE CG1 HG13 sing N N 165 
ILE CG2 HG21 sing N N 166 
ILE CG2 HG22 sing N N 167 
ILE CG2 HG23 sing N N 168 
ILE CD1 HD11 sing N N 169 
ILE CD1 HD12 sing N N 170 
ILE CD1 HD13 sing N N 171 
ILE OXT HXT  sing N N 172 
LEU N   CA   sing N N 173 
LEU N   H    sing N N 174 
LEU N   H2   sing N N 175 
LEU CA  C    sing N N 176 
LEU CA  CB   sing N N 177 
LEU CA  HA   sing N N 178 
LEU C   O    doub N N 179 
LEU C   OXT  sing N N 180 
LEU CB  CG   sing N N 181 
LEU CB  HB2  sing N N 182 
LEU CB  HB3  sing N N 183 
LEU CG  CD1  sing N N 184 
LEU CG  CD2  sing N N 185 
LEU CG  HG   sing N N 186 
LEU CD1 HD11 sing N N 187 
LEU CD1 HD12 sing N N 188 
LEU CD1 HD13 sing N N 189 
LEU CD2 HD21 sing N N 190 
LEU CD2 HD22 sing N N 191 
LEU CD2 HD23 sing N N 192 
LEU OXT HXT  sing N N 193 
LYS N   CA   sing N N 194 
LYS N   H    sing N N 195 
LYS N   H2   sing N N 196 
LYS CA  C    sing N N 197 
LYS CA  CB   sing N N 198 
LYS CA  HA   sing N N 199 
LYS C   O    doub N N 200 
LYS C   OXT  sing N N 201 
LYS CB  CG   sing N N 202 
LYS CB  HB2  sing N N 203 
LYS CB  HB3  sing N N 204 
LYS CG  CD   sing N N 205 
LYS CG  HG2  sing N N 206 
LYS CG  HG3  sing N N 207 
LYS CD  CE   sing N N 208 
LYS CD  HD2  sing N N 209 
LYS CD  HD3  sing N N 210 
LYS CE  NZ   sing N N 211 
LYS CE  HE2  sing N N 212 
LYS CE  HE3  sing N N 213 
LYS NZ  HZ1  sing N N 214 
LYS NZ  HZ2  sing N N 215 
LYS NZ  HZ3  sing N N 216 
LYS OXT HXT  sing N N 217 
PHE N   CA   sing N N 218 
PHE N   H    sing N N 219 
PHE N   H2   sing N N 220 
PHE CA  C    sing N N 221 
PHE CA  CB   sing N N 222 
PHE CA  HA   sing N N 223 
PHE C   O    doub N N 224 
PHE C   OXT  sing N N 225 
PHE CB  CG   sing N N 226 
PHE CB  HB2  sing N N 227 
PHE CB  HB3  sing N N 228 
PHE CG  CD1  doub Y N 229 
PHE CG  CD2  sing Y N 230 
PHE CD1 CE1  sing Y N 231 
PHE CD1 HD1  sing N N 232 
PHE CD2 CE2  doub Y N 233 
PHE CD2 HD2  sing N N 234 
PHE CE1 CZ   doub Y N 235 
PHE CE1 HE1  sing N N 236 
PHE CE2 CZ   sing Y N 237 
PHE CE2 HE2  sing N N 238 
PHE CZ  HZ   sing N N 239 
PHE OXT HXT  sing N N 240 
PRO N   CA   sing N N 241 
PRO N   CD   sing N N 242 
PRO N   H    sing N N 243 
PRO CA  C    sing N N 244 
PRO CA  CB   sing N N 245 
PRO CA  HA   sing N N 246 
PRO C   O    doub N N 247 
PRO C   OXT  sing N N 248 
PRO CB  CG   sing N N 249 
PRO CB  HB2  sing N N 250 
PRO CB  HB3  sing N N 251 
PRO CG  CD   sing N N 252 
PRO CG  HG2  sing N N 253 
PRO CG  HG3  sing N N 254 
PRO CD  HD2  sing N N 255 
PRO CD  HD3  sing N N 256 
PRO OXT HXT  sing N N 257 
SER N   CA   sing N N 258 
SER N   H    sing N N 259 
SER N   H2   sing N N 260 
SER CA  C    sing N N 261 
SER CA  CB   sing N N 262 
SER CA  HA   sing N N 263 
SER C   O    doub N N 264 
SER C   OXT  sing N N 265 
SER CB  OG   sing N N 266 
SER CB  HB2  sing N N 267 
SER CB  HB3  sing N N 268 
SER OG  HG   sing N N 269 
SER OXT HXT  sing N N 270 
THR N   CA   sing N N 271 
THR N   H    sing N N 272 
THR N   H2   sing N N 273 
THR CA  C    sing N N 274 
THR CA  CB   sing N N 275 
THR CA  HA   sing N N 276 
THR C   O    doub N N 277 
THR C   OXT  sing N N 278 
THR CB  OG1  sing N N 279 
THR CB  CG2  sing N N 280 
THR CB  HB   sing N N 281 
THR OG1 HG1  sing N N 282 
THR CG2 HG21 sing N N 283 
THR CG2 HG22 sing N N 284 
THR CG2 HG23 sing N N 285 
THR OXT HXT  sing N N 286 
TRP N   CA   sing N N 287 
TRP N   H    sing N N 288 
TRP N   H2   sing N N 289 
TRP CA  C    sing N N 290 
TRP CA  CB   sing N N 291 
TRP CA  HA   sing N N 292 
TRP C   O    doub N N 293 
TRP C   OXT  sing N N 294 
TRP CB  CG   sing N N 295 
TRP CB  HB2  sing N N 296 
TRP CB  HB3  sing N N 297 
TRP CG  CD1  doub Y N 298 
TRP CG  CD2  sing Y N 299 
TRP CD1 NE1  sing Y N 300 
TRP CD1 HD1  sing N N 301 
TRP CD2 CE2  doub Y N 302 
TRP CD2 CE3  sing Y N 303 
TRP NE1 CE2  sing Y N 304 
TRP NE1 HE1  sing N N 305 
TRP CE2 CZ2  sing Y N 306 
TRP CE3 CZ3  doub Y N 307 
TRP CE3 HE3  sing N N 308 
TRP CZ2 CH2  doub Y N 309 
TRP CZ2 HZ2  sing N N 310 
TRP CZ3 CH2  sing Y N 311 
TRP CZ3 HZ3  sing N N 312 
TRP CH2 HH2  sing N N 313 
TRP OXT HXT  sing N N 314 
TYR N   CA   sing N N 315 
TYR N   H    sing N N 316 
TYR N   H2   sing N N 317 
TYR CA  C    sing N N 318 
TYR CA  CB   sing N N 319 
TYR CA  HA   sing N N 320 
TYR C   O    doub N N 321 
TYR C   OXT  sing N N 322 
TYR CB  CG   sing N N 323 
TYR CB  HB2  sing N N 324 
TYR CB  HB3  sing N N 325 
TYR CG  CD1  doub Y N 326 
TYR CG  CD2  sing Y N 327 
TYR CD1 CE1  sing Y N 328 
TYR CD1 HD1  sing N N 329 
TYR CD2 CE2  doub Y N 330 
TYR CD2 HD2  sing N N 331 
TYR CE1 CZ   doub Y N 332 
TYR CE1 HE1  sing N N 333 
TYR CE2 CZ   sing Y N 334 
TYR CE2 HE2  sing N N 335 
TYR CZ  OH   sing N N 336 
TYR OH  HH   sing N N 337 
TYR OXT HXT  sing N N 338 
VAL N   CA   sing N N 339 
VAL N   H    sing N N 340 
VAL N   H2   sing N N 341 
VAL CA  C    sing N N 342 
VAL CA  CB   sing N N 343 
VAL CA  HA   sing N N 344 
VAL C   O    doub N N 345 
VAL C   OXT  sing N N 346 
VAL CB  CG1  sing N N 347 
VAL CB  CG2  sing N N 348 
VAL CB  HB   sing N N 349 
VAL CG1 HG11 sing N N 350 
VAL CG1 HG12 sing N N 351 
VAL CG1 HG13 sing N N 352 
VAL CG2 HG21 sing N N 353 
VAL CG2 HG22 sing N N 354 
VAL CG2 HG23 sing N N 355 
VAL OXT HXT  sing N N 356 
# 
_atom_sites.entry_id                    1BET 
_atom_sites.fract_transf_matrix[1][1]   0.01447771 
_atom_sites.fract_transf_matrix[1][2]   -0.00765652 
_atom_sites.fract_transf_matrix[1][3]   -0.01223641 
_atom_sites.fract_transf_matrix[2][1]   -0.00417672 
_atom_sites.fract_transf_matrix[2][2]   -0.01601783 
_atom_sites.fract_transf_matrix[2][3]   -0.01199755 
_atom_sites.fract_transf_matrix[3][1]   -0.00157754 
_atom_sites.fract_transf_matrix[3][2]   0.00340536 
_atom_sites.fract_transf_matrix[3][3]   -0.00399727 
_atom_sites.fract_transf_vector[1]      0.531316 
_atom_sites.fract_transf_vector[2]      0.575806 
_atom_sites.fract_transf_vector[3]      0.047233 
# 
loop_
_atom_type.symbol 
C 
N 
O 
S 
# 
loop_
_atom_site.group_PDB 
_atom_site.id 
_atom_site.type_symbol 
_atom_site.label_atom_id 
_atom_site.label_alt_id 
_atom_site.label_comp_id 
_atom_site.label_asym_id 
_atom_site.label_entity_id 
_atom_site.label_seq_id 
_atom_site.pdbx_PDB_ins_code 
_atom_site.Cartn_x 
_atom_site.Cartn_y 
_atom_site.Cartn_z 
_atom_site.occupancy 
_atom_site.B_iso_or_equiv 
_atom_site.pdbx_formal_charge 
_atom_site.auth_seq_id 
_atom_site.auth_comp_id 
_atom_site.auth_asym_id 
_atom_site.auth_atom_id 
_atom_site.pdbx_PDB_model_num 
ATOM   1   N N   . GLY A 1 1   ? -24.137 7.442   9.558   1.00 65.66 ? 10  GLY A N   1 
ATOM   2   C CA  . GLY A 1 1   ? -23.152 8.444   9.183   1.00 61.16 ? 10  GLY A CA  1 
ATOM   3   C C   . GLY A 1 1   ? -22.493 7.818   7.983   1.00 58.46 ? 10  GLY A C   1 
ATOM   4   O O   . GLY A 1 1   ? -23.087 6.857   7.474   1.00 61.24 ? 10  GLY A O   1 
ATOM   5   N N   . GLU A 1 2   ? -21.337 8.294   7.563   1.00 55.21 ? 11  GLU A N   1 
ATOM   6   C CA  . GLU A 1 2   ? -20.701 7.760   6.385   1.00 52.18 ? 11  GLU A CA  1 
ATOM   7   C C   . GLU A 1 2   ? -19.620 6.740   6.732   1.00 49.81 ? 11  GLU A C   1 
ATOM   8   O O   . GLU A 1 2   ? -18.835 6.948   7.659   1.00 50.12 ? 11  GLU A O   1 
ATOM   9   C CB  . GLU A 1 2   ? -20.163 8.935   5.639   1.00 53.84 ? 11  GLU A CB  1 
ATOM   10  C CG  . GLU A 1 2   ? -21.353 9.817   5.285   1.00 57.31 ? 11  GLU A CG  1 
ATOM   11  C CD  . GLU A 1 2   ? -21.111 10.748  4.116   1.00 60.97 ? 11  GLU A CD  1 
ATOM   12  O OE1 . GLU A 1 2   ? -20.090 11.437  4.080   1.00 63.31 ? 11  GLU A OE1 1 
ATOM   13  O OE2 . GLU A 1 2   ? -21.958 10.781  3.230   1.00 62.24 ? 11  GLU A OE2 1 
ATOM   14  N N   . PHE A 1 3   ? -19.573 5.598   6.072   1.00 44.26 ? 12  PHE A N   1 
ATOM   15  C CA  . PHE A 1 3   ? -18.571 4.614   6.373   1.00 39.43 ? 12  PHE A CA  1 
ATOM   16  C C   . PHE A 1 3   ? -18.194 3.984   5.065   1.00 38.59 ? 12  PHE A C   1 
ATOM   17  O O   . PHE A 1 3   ? -19.043 3.871   4.181   1.00 38.01 ? 12  PHE A O   1 
ATOM   18  C CB  . PHE A 1 3   ? -19.095 3.520   7.331   1.00 34.17 ? 12  PHE A CB  1 
ATOM   19  C CG  . PHE A 1 3   ? -20.377 2.757   7.012   1.00 26.98 ? 12  PHE A CG  1 
ATOM   20  C CD1 . PHE A 1 3   ? -21.591 3.250   7.425   1.00 25.62 ? 12  PHE A CD1 1 
ATOM   21  C CD2 . PHE A 1 3   ? -20.321 1.592   6.284   1.00 26.33 ? 12  PHE A CD2 1 
ATOM   22  C CE1 . PHE A 1 3   ? -22.755 2.580   7.097   1.00 24.77 ? 12  PHE A CE1 1 
ATOM   23  C CE2 . PHE A 1 3   ? -21.480 0.922   5.954   1.00 27.87 ? 12  PHE A CE2 1 
ATOM   24  C CZ  . PHE A 1 3   ? -22.701 1.421   6.361   1.00 25.06 ? 12  PHE A CZ  1 
ATOM   25  N N   . SER A 1 4   ? -16.933 3.594   4.922   1.00 37.53 ? 13  SER A N   1 
ATOM   26  C CA  . SER A 1 4   ? -16.512 2.956   3.709   1.00 35.87 ? 13  SER A CA  1 
ATOM   27  C C   . SER A 1 4   ? -17.026 1.528   3.759   1.00 33.07 ? 13  SER A C   1 
ATOM   28  O O   . SER A 1 4   ? -17.354 1.003   4.803   1.00 35.74 ? 13  SER A O   1 
ATOM   29  C CB  . SER A 1 4   ? -14.972 2.974   3.594   1.00 39.10 ? 13  SER A CB  1 
ATOM   30  O OG  . SER A 1 4   ? -14.493 2.462   2.328   1.00 42.32 ? 13  SER A OG  1 
ATOM   31  N N   . VAL A 1 5   ? -17.067 1.009   2.541   1.00 31.08 ? 14  VAL A N   1 
ATOM   32  C CA  . VAL A 1 5   ? -17.420 -0.319  2.060   1.00 26.77 ? 14  VAL A CA  1 
ATOM   33  C C   . VAL A 1 5   ? -16.264 -1.240  2.474   1.00 24.60 ? 14  VAL A C   1 
ATOM   34  O O   . VAL A 1 5   ? -16.460 -2.403  2.772   1.00 25.93 ? 14  VAL A O   1 
ATOM   35  C CB  . VAL A 1 5   ? -17.656 0.007   0.510   1.00 25.36 ? 14  VAL A CB  1 
ATOM   36  C CG1 . VAL A 1 5   ? -16.802 -0.803  -0.360  1.00 24.51 ? 14  VAL A CG1 1 
ATOM   37  C CG2 . VAL A 1 5   ? -19.048 -0.290  0.071   1.00 23.13 ? 14  VAL A CG2 1 
ATOM   38  N N   . CYS A 1 6   ? -15.033 -0.780  2.542   1.00 24.52 ? 15  CYS A N   1 
ATOM   39  C CA  . CYS A 1 6   ? -13.936 -1.587  2.970   1.00 24.25 ? 15  CYS A CA  1 
ATOM   40  C C   . CYS A 1 6   ? -13.274 -0.818  4.070   1.00 26.76 ? 15  CYS A C   1 
ATOM   41  O O   . CYS A 1 6   ? -12.899 0.327   3.807   1.00 29.28 ? 15  CYS A O   1 
ATOM   42  C CB  . CYS A 1 6   ? -12.896 -1.757  1.925   1.00 21.75 ? 15  CYS A CB  1 
ATOM   43  S SG  . CYS A 1 6   ? -13.586 -2.916  0.778   1.00 21.76 ? 15  CYS A SG  1 
ATOM   44  N N   . ASP A 1 7   ? -13.077 -1.449  5.242   1.00 28.87 ? 16  ASP A N   1 
ATOM   45  C CA  . ASP A 1 7   ? -12.412 -0.867  6.414   1.00 28.56 ? 16  ASP A CA  1 
ATOM   46  C C   . ASP A 1 7   ? -10.943 -0.724  6.140   1.00 25.99 ? 16  ASP A C   1 
ATOM   47  O O   . ASP A 1 7   ? -10.336 -1.661  5.634   1.00 28.27 ? 16  ASP A O   1 
ATOM   48  C CB  . ASP A 1 7   ? -12.574 -1.748  7.608   1.00 27.27 ? 16  ASP A CB  1 
ATOM   49  C CG  . ASP A 1 7   ? -14.024 -1.955  7.939   1.00 32.45 ? 16  ASP A CG  1 
ATOM   50  O OD1 . ASP A 1 7   ? -14.888 -1.169  7.553   1.00 34.72 ? 16  ASP A OD1 1 
ATOM   51  O OD2 . ASP A 1 7   ? -14.292 -2.932  8.608   1.00 34.61 ? 16  ASP A OD2 1 
ATOM   52  N N   . SER A 1 8   ? -10.334 0.317   6.607   1.00 22.49 ? 17  SER A N   1 
ATOM   53  C CA  . SER A 1 8   ? -9.033  0.671   6.161   1.00 25.38 ? 17  SER A CA  1 
ATOM   54  C C   . SER A 1 8   ? -8.135  1.009   7.338   1.00 26.90 ? 17  SER A C   1 
ATOM   55  O O   . SER A 1 8   ? -8.648  1.480   8.352   1.00 29.63 ? 17  SER A O   1 
ATOM   56  C CB  . SER A 1 8   ? -9.354  1.797   5.262   1.00 27.38 ? 17  SER A CB  1 
ATOM   57  O OG  . SER A 1 8   ? -8.173  2.404   4.790   1.00 38.08 ? 17  SER A OG  1 
ATOM   58  N N   . VAL A 1 9   ? -6.816  0.896   7.318   1.00 26.16 ? 18  VAL A N   1 
ATOM   59  C CA  . VAL A 1 9   ? -5.979  1.222   8.449   1.00 25.62 ? 18  VAL A CA  1 
ATOM   60  C C   . VAL A 1 9   ? -4.815  2.086   7.903   1.00 26.30 ? 18  VAL A C   1 
ATOM   61  O O   . VAL A 1 9   ? -4.054  1.565   7.069   1.00 26.02 ? 18  VAL A O   1 
ATOM   62  C CB  . VAL A 1 9   ? -5.509  -0.133  9.035   1.00 28.41 ? 18  VAL A CB  1 
ATOM   63  C CG1 . VAL A 1 9   ? -4.557  0.217   10.099  1.00 28.36 ? 18  VAL A CG1 1 
ATOM   64  C CG2 . VAL A 1 9   ? -6.596  -0.990  9.676   1.00 28.26 ? 18  VAL A CG2 1 
ATOM   65  N N   . SER A 1 10  ? -4.580  3.346   8.312   1.00 26.08 ? 19  SER A N   1 
ATOM   66  C CA  . SER A 1 10  ? -3.461  4.165   7.809   1.00 28.21 ? 19  SER A CA  1 
ATOM   67  C C   . SER A 1 10  ? -2.405  4.430   8.882   1.00 29.94 ? 19  SER A C   1 
ATOM   68  O O   . SER A 1 10  ? -2.747  4.570   10.068  1.00 31.01 ? 19  SER A O   1 
ATOM   69  C CB  . SER A 1 10  ? -3.948  5.544   7.293   1.00 25.67 ? 19  SER A CB  1 
ATOM   70  O OG  . SER A 1 10  ? -5.077  5.428   6.428   1.00 28.47 ? 19  SER A OG  1 
ATOM   71  N N   . VAL A 1 11  ? -1.100  4.478   8.546   1.00 30.64 ? 20  VAL A N   1 
ATOM   72  C CA  . VAL A 1 11  ? -0.026  4.733   9.523   1.00 28.70 ? 20  VAL A CA  1 
ATOM   73  C C   . VAL A 1 11  ? 1.112   5.424   8.801   1.00 26.64 ? 20  VAL A C   1 
ATOM   74  O O   . VAL A 1 11  ? 1.246   5.283   7.584   1.00 27.11 ? 20  VAL A O   1 
ATOM   75  C CB  . VAL A 1 11  ? 0.525   3.437   10.127  1.00 26.67 ? 20  VAL A CB  1 
ATOM   76  C CG1 . VAL A 1 11  ? -0.562  2.772   10.894  1.00 26.49 ? 20  VAL A CG1 1 
ATOM   77  C CG2 . VAL A 1 11  ? 0.889   2.425   9.066   1.00 24.64 ? 20  VAL A CG2 1 
ATOM   78  N N   . TRP A 1 12  ? 1.855   6.269   9.483   1.00 24.59 ? 21  TRP A N   1 
ATOM   79  C CA  . TRP A 1 12  ? 3.033   6.841   8.903   1.00 25.38 ? 21  TRP A CA  1 
ATOM   80  C C   . TRP A 1 12  ? 4.092   5.782   9.192   1.00 28.61 ? 21  TRP A C   1 
ATOM   81  O O   . TRP A 1 12  ? 4.109   5.264   10.310  1.00 33.10 ? 21  TRP A O   1 
ATOM   82  C CB  . TRP A 1 12  ? 3.360   8.136   9.594   1.00 23.41 ? 21  TRP A CB  1 
ATOM   83  C CG  . TRP A 1 12  ? 2.664   9.304   8.950   1.00 23.42 ? 21  TRP A CG  1 
ATOM   84  C CD1 . TRP A 1 12  ? 1.509   9.792   9.472   1.00 23.91 ? 21  TRP A CD1 1 
ATOM   85  C CD2 . TRP A 1 12  ? 3.068   9.989   7.838   1.00 23.07 ? 21  TRP A CD2 1 
ATOM   86  N NE1 . TRP A 1 12  ? 1.171   10.788  8.696   1.00 25.76 ? 21  TRP A NE1 1 
ATOM   87  C CE2 . TRP A 1 12  ? 2.064   10.931  7.721   1.00 24.61 ? 21  TRP A CE2 1 
ATOM   88  C CE3 . TRP A 1 12  ? 4.100   9.955   6.937   1.00 25.34 ? 21  TRP A CE3 1 
ATOM   89  C CZ2 . TRP A 1 12  ? 2.051   11.851  6.719   1.00 22.43 ? 21  TRP A CZ2 1 
ATOM   90  C CZ3 . TRP A 1 12  ? 4.107   10.880  5.917   1.00 24.53 ? 21  TRP A CZ3 1 
ATOM   91  C CH2 . TRP A 1 12  ? 3.092   11.815  5.809   1.00 26.70 ? 21  TRP A CH2 1 
ATOM   92  N N   . VAL A 1 13  ? 4.974   5.397   8.265   1.00 28.76 ? 22  VAL A N   1 
ATOM   93  C CA  . VAL A 1 13  ? 5.991   4.363   8.408   1.00 25.81 ? 22  VAL A CA  1 
ATOM   94  C C   . VAL A 1 13  ? 7.369   5.016   8.381   1.00 26.41 ? 22  VAL A C   1 
ATOM   95  O O   . VAL A 1 13  ? 7.707   5.613   7.363   1.00 26.26 ? 22  VAL A O   1 
ATOM   96  C CB  . VAL A 1 13  ? 5.832   3.400   7.245   1.00 26.18 ? 22  VAL A CB  1 
ATOM   97  C CG1 . VAL A 1 13  ? 6.742   2.210   7.339   1.00 27.43 ? 22  VAL A CG1 1 
ATOM   98  C CG2 . VAL A 1 13  ? 4.445   2.871   7.296   1.00 27.14 ? 22  VAL A CG2 1 
ATOM   99  N N   . GLY A 1 14  ? 8.231   4.930   9.414   1.00 27.96 ? 23  GLY A N   1 
ATOM   100 C CA  . GLY A 1 14  ? 9.520   5.610   9.404   1.00 23.75 ? 23  GLY A CA  1 
ATOM   101 C C   . GLY A 1 14  ? 10.692  4.669   9.503   1.00 24.58 ? 23  GLY A C   1 
ATOM   102 O O   . GLY A 1 14  ? 11.846  5.061   9.582   1.00 24.51 ? 23  GLY A O   1 
ATOM   103 N N   . ASP A 1 15  ? 10.440  3.398   9.403   1.00 25.18 ? 24  ASP A N   1 
ATOM   104 C CA  . ASP A 1 15  ? 11.466  2.409   9.608   1.00 29.42 ? 24  ASP A CA  1 
ATOM   105 C C   . ASP A 1 15  ? 11.338  1.330   8.530   1.00 31.38 ? 24  ASP A C   1 
ATOM   106 O O   . ASP A 1 15  ? 11.483  0.131   8.805   1.00 34.41 ? 24  ASP A O   1 
ATOM   107 C CB  . ASP A 1 15  ? 11.232  1.849   10.995  1.00 34.59 ? 24  ASP A CB  1 
ATOM   108 C CG  . ASP A 1 15  ? 9.891   1.096   11.133  1.00 39.80 ? 24  ASP A CG  1 
ATOM   109 O OD1 . ASP A 1 15  ? 8.895   1.400   10.460  1.00 43.00 ? 24  ASP A OD1 1 
ATOM   110 O OD2 . ASP A 1 15  ? 9.839   0.159   11.924  1.00 46.08 ? 24  ASP A OD2 1 
ATOM   111 N N   . LYS A 1 16  ? 11.018  1.684   7.295   1.00 28.78 ? 25  LYS A N   1 
ATOM   112 C CA  . LYS A 1 16  ? 10.752  0.690   6.275   1.00 27.44 ? 25  LYS A CA  1 
ATOM   113 C C   . LYS A 1 16  ? 12.061  0.021   5.910   1.00 25.40 ? 25  LYS A C   1 
ATOM   114 O O   . LYS A 1 16  ? 13.048  0.737   5.868   1.00 26.73 ? 25  LYS A O   1 
ATOM   115 C CB  . LYS A 1 16  ? 10.108  1.419   5.083   1.00 31.85 ? 25  LYS A CB  1 
ATOM   116 C CG  . LYS A 1 16  ? 9.839   0.531   3.862   1.00 32.86 ? 25  LYS A CG  1 
ATOM   117 C CD  . LYS A 1 16  ? 9.005   1.181   2.757   1.00 35.89 ? 25  LYS A CD  1 
ATOM   118 C CE  . LYS A 1 16  ? 7.512   1.288   3.074   1.00 34.57 ? 25  LYS A CE  1 
ATOM   119 N NZ  . LYS A 1 16  ? 6.856   0.003   3.166   1.00 33.80 ? 25  LYS A NZ  1 
ATOM   120 N N   . THR A 1 17  ? 12.173  -1.270  5.682   1.00 25.40 ? 26  THR A N   1 
ATOM   121 C CA  . THR A 1 17  ? 13.464  -1.822  5.329   1.00 26.91 ? 26  THR A CA  1 
ATOM   122 C C   . THR A 1 17  ? 13.529  -2.346  3.900   1.00 26.50 ? 26  THR A C   1 
ATOM   123 O O   . THR A 1 17  ? 14.586  -2.215  3.272   1.00 28.67 ? 26  THR A O   1 
ATOM   124 C CB  . THR A 1 17  ? 13.799  -2.949  6.304   1.00 27.74 ? 26  THR A CB  1 
ATOM   125 O OG1 . THR A 1 17  ? 12.725  -3.855  6.174   1.00 35.19 ? 26  THR A OG1 1 
ATOM   126 C CG2 . THR A 1 17  ? 13.766  -2.589  7.750   1.00 27.30 ? 26  THR A CG2 1 
ATOM   127 N N   . THR A 1 18  ? 12.515  -2.983  3.330   1.00 24.50 ? 27  THR A N   1 
ATOM   128 C CA  . THR A 1 18  ? 12.583  -3.370  1.941   1.00 30.57 ? 27  THR A CA  1 
ATOM   129 C C   . THR A 1 18  ? 11.314  -2.951  1.219   1.00 32.26 ? 27  THR A C   1 
ATOM   130 O O   . THR A 1 18  ? 10.322  -2.773  1.929   1.00 35.05 ? 27  THR A O   1 
ATOM   131 C CB  . THR A 1 18  ? 12.714  -4.877  1.755   1.00 32.64 ? 27  THR A CB  1 
ATOM   132 O OG1 . THR A 1 18  ? 11.675  -5.430  2.547   1.00 37.81 ? 27  THR A OG1 1 
ATOM   133 C CG2 . THR A 1 18  ? 14.089  -5.421  2.094   1.00 36.44 ? 27  THR A CG2 1 
ATOM   134 N N   . ALA A 1 19  ? 11.256  -2.825  -0.119  1.00 31.10 ? 28  ALA A N   1 
ATOM   135 C CA  . ALA A 1 19  ? 10.028  -2.518  -0.842  1.00 27.08 ? 28  ALA A CA  1 
ATOM   136 C C   . ALA A 1 19  ? 10.194  -3.107  -2.209  1.00 25.24 ? 28  ALA A C   1 
ATOM   137 O O   . ALA A 1 19  ? 11.326  -3.365  -2.639  1.00 25.67 ? 28  ALA A O   1 
ATOM   138 C CB  . ALA A 1 19  ? 9.827   -1.016  -1.001  1.00 25.82 ? 28  ALA A CB  1 
ATOM   139 N N   . THR A 1 20  ? 9.116   -3.393  -2.885  1.00 27.28 ? 29  THR A N   1 
ATOM   140 C CA  . THR A 1 20  ? 9.202   -3.839  -4.265  1.00 32.04 ? 29  THR A CA  1 
ATOM   141 C C   . THR A 1 20  ? 9.217   -2.618  -5.200  1.00 33.56 ? 29  THR A C   1 
ATOM   142 O O   . THR A 1 20  ? 8.411   -1.682  -5.050  1.00 31.43 ? 29  THR A O   1 
ATOM   143 C CB  . THR A 1 20  ? 8.010   -4.719  -4.579  1.00 32.27 ? 29  THR A CB  1 
ATOM   144 O OG1 . THR A 1 20  ? 7.806   -5.607  -3.480  1.00 40.54 ? 29  THR A OG1 1 
ATOM   145 C CG2 . THR A 1 20  ? 8.259   -5.561  -5.793  1.00 32.90 ? 29  THR A CG2 1 
ATOM   146 N N   . ASP A 1 21  ? 10.131  -2.518  -6.166  1.00 36.13 ? 30  ASP A N   1 
ATOM   147 C CA  . ASP A 1 21  ? 10.153  -1.336  -7.009  1.00 36.72 ? 30  ASP A CA  1 
ATOM   148 C C   . ASP A 1 21  ? 9.201   -1.486  -8.195  1.00 37.16 ? 30  ASP A C   1 
ATOM   149 O O   . ASP A 1 21  ? 8.590   -2.557  -8.388  1.00 35.39 ? 30  ASP A O   1 
ATOM   150 C CB  . ASP A 1 21  ? 11.603  -1.056  -7.470  1.00 35.52 ? 30  ASP A CB  1 
ATOM   151 C CG  . ASP A 1 21  ? 12.208  -1.895  -8.596  1.00 38.31 ? 30  ASP A CG  1 
ATOM   152 O OD1 . ASP A 1 21  ? 11.666  -2.951  -8.940  1.00 37.76 ? 30  ASP A OD1 1 
ATOM   153 O OD2 . ASP A 1 21  ? 13.241  -1.482  -9.146  1.00 40.28 ? 30  ASP A OD2 1 
ATOM   154 N N   . ILE A 1 22  ? 9.092   -0.424  -9.009  1.00 36.11 ? 31  ILE A N   1 
ATOM   155 C CA  . ILE A 1 22  ? 8.182   -0.421  -10.145 1.00 37.80 ? 31  ILE A CA  1 
ATOM   156 C C   . ILE A 1 22  ? 8.469   -1.593  -11.116 1.00 40.04 ? 31  ILE A C   1 
ATOM   157 O O   . ILE A 1 22  ? 7.571   -2.336  -11.550 1.00 39.11 ? 31  ILE A O   1 
ATOM   158 C CB  . ILE A 1 22  ? 8.301   1.030   -10.752 1.00 35.49 ? 31  ILE A CB  1 
ATOM   159 C CG1 . ILE A 1 22  ? 7.048   1.272   -11.558 1.00 33.97 ? 31  ILE A CG1 1 
ATOM   160 C CG2 . ILE A 1 22  ? 9.564   1.226   -11.575 1.00 30.98 ? 31  ILE A CG2 1 
ATOM   161 C CD1 . ILE A 1 22  ? 6.837   2.716   -12.013 1.00 33.97 ? 31  ILE A CD1 1 
ATOM   162 N N   . LYS A 1 23  ? 9.766   -1.876  -11.303 1.00 43.15 ? 32  LYS A N   1 
ATOM   163 C CA  . LYS A 1 23  ? 10.249  -2.982  -12.127 1.00 46.15 ? 32  LYS A CA  1 
ATOM   164 C C   . LYS A 1 23  ? 10.035  -4.327  -11.422 1.00 47.99 ? 32  LYS A C   1 
ATOM   165 O O   . LYS A 1 23  ? 10.595  -5.327  -11.877 1.00 50.06 ? 32  LYS A O   1 
ATOM   166 C CB  . LYS A 1 23  ? 11.747  -2.855  -12.405 1.00 47.42 ? 32  LYS A CB  1 
ATOM   167 C CG  . LYS A 1 23  ? 12.260  -1.590  -13.046 1.00 54.99 ? 32  LYS A CG  1 
ATOM   168 C CD  . LYS A 1 23  ? 11.890  -1.574  -14.522 1.00 64.13 ? 32  LYS A CD  1 
ATOM   169 C CE  . LYS A 1 23  ? 10.656  -0.738  -14.934 1.00 69.19 ? 32  LYS A CE  1 
ATOM   170 N NZ  . LYS A 1 23  ? 10.889  0.705   -14.896 1.00 72.40 ? 32  LYS A NZ  1 
ATOM   171 N N   . GLY A 1 24  ? 9.337   -4.442  -10.286 1.00 47.03 ? 33  GLY A N   1 
ATOM   172 C CA  . GLY A 1 24  ? 9.138   -5.723  -9.636  1.00 45.48 ? 33  GLY A CA  1 
ATOM   173 C C   . GLY A 1 24  ? 10.258  -6.231  -8.726  1.00 43.40 ? 33  GLY A C   1 
ATOM   174 O O   . GLY A 1 24  ? 10.024  -7.182  -7.959  1.00 44.78 ? 33  GLY A O   1 
ATOM   175 N N   . LYS A 1 25  ? 11.482  -5.710  -8.721  1.00 41.01 ? 34  LYS A N   1 
ATOM   176 C CA  . LYS A 1 25  ? 12.454  -6.300  -7.818  1.00 40.42 ? 34  LYS A CA  1 
ATOM   177 C C   . LYS A 1 25  ? 12.388  -5.797  -6.407  1.00 38.96 ? 34  LYS A C   1 
ATOM   178 O O   . LYS A 1 25  ? 11.891  -4.701  -6.162  1.00 38.20 ? 34  LYS A O   1 
ATOM   179 C CB  . LYS A 1 25  ? 13.863  -6.099  -8.310  1.00 41.82 ? 34  LYS A CB  1 
ATOM   180 C CG  . LYS A 1 25  ? 14.455  -4.726  -8.481  1.00 46.52 ? 34  LYS A CG  1 
ATOM   181 C CD  . LYS A 1 25  ? 15.966  -5.049  -8.552  1.00 50.84 ? 34  LYS A CD  1 
ATOM   182 C CE  . LYS A 1 25  ? 16.847  -3.809  -8.792  1.00 53.81 ? 34  LYS A CE  1 
ATOM   183 N NZ  . LYS A 1 25  ? 18.259  -4.192  -8.833  1.00 54.83 ? 34  LYS A NZ  1 
ATOM   184 N N   . GLU A 1 26  ? 12.815  -6.618  -5.474  1.00 37.89 ? 35  GLU A N   1 
ATOM   185 C CA  . GLU A 1 26  ? 12.851  -6.214  -4.098  1.00 38.30 ? 35  GLU A CA  1 
ATOM   186 C C   . GLU A 1 26  ? 14.053  -5.336  -3.904  1.00 33.35 ? 35  GLU A C   1 
ATOM   187 O O   . GLU A 1 26  ? 15.137  -5.620  -4.393  1.00 34.35 ? 35  GLU A O   1 
ATOM   188 C CB  . GLU A 1 26  ? 12.923  -7.454  -3.233  1.00 45.53 ? 35  GLU A CB  1 
ATOM   189 C CG  . GLU A 1 26  ? 11.939  -7.549  -2.032  1.00 58.68 ? 35  GLU A CG  1 
ATOM   190 C CD  . GLU A 1 26  ? 10.426  -7.390  -2.338  1.00 67.67 ? 35  GLU A CD  1 
ATOM   191 O OE1 . GLU A 1 26  ? 9.973   -7.739  -3.457  1.00 69.26 ? 35  GLU A OE1 1 
ATOM   192 O OE2 . GLU A 1 26  ? 9.700   -6.908  -1.434  1.00 72.20 ? 35  GLU A OE2 1 
ATOM   193 N N   . VAL A 1 27  ? 13.950  -4.280  -3.145  1.00 31.18 ? 36  VAL A N   1 
ATOM   194 C CA  . VAL A 1 27  ? 15.063  -3.368  -3.033  1.00 30.12 ? 36  VAL A CA  1 
ATOM   195 C C   . VAL A 1 27  ? 15.216  -3.001  -1.554  1.00 32.84 ? 36  VAL A C   1 
ATOM   196 O O   . VAL A 1 27  ? 14.217  -3.181  -0.840  1.00 34.59 ? 36  VAL A O   1 
ATOM   197 C CB  . VAL A 1 27  ? 14.547  -2.356  -4.047  1.00 30.68 ? 36  VAL A CB  1 
ATOM   198 C CG1 . VAL A 1 27  ? 13.717  -1.256  -3.413  1.00 25.74 ? 36  VAL A CG1 1 
ATOM   199 C CG2 . VAL A 1 27  ? 15.723  -1.988  -4.854  1.00 28.70 ? 36  VAL A CG2 1 
ATOM   200 N N   . THR A 1 28  ? 16.344  -2.527  -0.980  1.00 33.47 ? 37  THR A N   1 
ATOM   201 C CA  . THR A 1 28  ? 16.468  -2.131  0.442   1.00 33.48 ? 37  THR A CA  1 
ATOM   202 C C   . THR A 1 28  ? 16.178  -0.635  0.546   1.00 33.88 ? 37  THR A C   1 
ATOM   203 O O   . THR A 1 28  ? 16.757  0.097   -0.272  1.00 36.26 ? 37  THR A O   1 
ATOM   204 C CB  . THR A 1 28  ? 17.920  -2.425  0.978   1.00 34.78 ? 37  THR A CB  1 
ATOM   205 O OG1 . THR A 1 28  ? 17.989  -3.841  1.029   1.00 37.05 ? 37  THR A OG1 1 
ATOM   206 C CG2 . THR A 1 28  ? 18.273  -1.859  2.340   1.00 33.33 ? 37  THR A CG2 1 
ATOM   207 N N   . VAL A 1 29  ? 15.388  -0.136  1.513   1.00 29.64 ? 38  VAL A N   1 
ATOM   208 C CA  . VAL A 1 29  ? 15.026  1.260   1.564   1.00 27.58 ? 38  VAL A CA  1 
ATOM   209 C C   . VAL A 1 29  ? 15.991  1.904   2.534   1.00 28.44 ? 38  VAL A C   1 
ATOM   210 O O   . VAL A 1 29  ? 16.195  1.383   3.614   1.00 31.02 ? 38  VAL A O   1 
ATOM   211 C CB  . VAL A 1 29  ? 13.558  1.315   2.011   1.00 27.10 ? 38  VAL A CB  1 
ATOM   212 C CG1 . VAL A 1 29  ? 13.039  2.727   2.123   1.00 29.03 ? 38  VAL A CG1 1 
ATOM   213 C CG2 . VAL A 1 29  ? 12.701  0.702   0.924   1.00 26.26 ? 38  VAL A CG2 1 
ATOM   214 N N   . LEU A 1 30  ? 16.701  2.947   2.167   1.00 27.37 ? 39  LEU A N   1 
ATOM   215 C CA  . LEU A 1 30  ? 17.649  3.547   3.057   1.00 28.30 ? 39  LEU A CA  1 
ATOM   216 C C   . LEU A 1 30  ? 16.884  4.405   4.013   1.00 30.01 ? 39  LEU A C   1 
ATOM   217 O O   . LEU A 1 30  ? 15.779  4.805   3.697   1.00 30.45 ? 39  LEU A O   1 
ATOM   218 C CB  . LEU A 1 30  ? 18.619  4.416   2.314   1.00 28.84 ? 39  LEU A CB  1 
ATOM   219 C CG  . LEU A 1 30  ? 19.912  3.788   1.848   1.00 31.64 ? 39  LEU A CG  1 
ATOM   220 C CD1 . LEU A 1 30  ? 19.705  2.822   0.710   1.00 29.90 ? 39  LEU A CD1 1 
ATOM   221 C CD2 . LEU A 1 30  ? 20.814  4.891   1.398   1.00 28.08 ? 39  LEU A CD2 1 
ATOM   222 N N   . ALA A 1 31  ? 17.434  4.827   5.139   1.00 34.21 ? 40  ALA A N   1 
ATOM   223 C CA  . ALA A 1 31  ? 16.627  5.546   6.100   1.00 35.76 ? 40  ALA A CA  1 
ATOM   224 C C   . ALA A 1 31  ? 16.768  7.036   6.035   1.00 38.75 ? 40  ALA A C   1 
ATOM   225 O O   . ALA A 1 31  ? 15.788  7.764   6.204   1.00 41.13 ? 40  ALA A O   1 
ATOM   226 C CB  . ALA A 1 31  ? 16.973  5.124   7.513   1.00 33.54 ? 40  ALA A CB  1 
ATOM   227 N N   . GLU A 1 32  ? 17.961  7.584   5.888   1.00 44.47 ? 41  GLU A N   1 
ATOM   228 C CA  . GLU A 1 32  ? 18.075  9.029   5.812   1.00 48.35 ? 41  GLU A CA  1 
ATOM   229 C C   . GLU A 1 32  ? 18.674  9.402   4.468   1.00 50.15 ? 41  GLU A C   1 
ATOM   230 O O   . GLU A 1 32  ? 19.438  8.638   3.863   1.00 50.32 ? 41  GLU A O   1 
ATOM   231 C CB  . GLU A 1 32  ? 18.913  9.554   6.993   1.00 51.76 ? 41  GLU A CB  1 
ATOM   232 C CG  . GLU A 1 32  ? 18.042  9.392   8.252   1.00 61.20 ? 41  GLU A CG  1 
ATOM   233 C CD  . GLU A 1 32  ? 18.533  10.027  9.545   1.00 67.94 ? 41  GLU A CD  1 
ATOM   234 O OE1 . GLU A 1 32  ? 18.408  11.253  9.665   1.00 72.32 ? 41  GLU A OE1 1 
ATOM   235 O OE2 . GLU A 1 32  ? 19.012  9.299   10.432  1.00 70.47 ? 41  GLU A OE2 1 
ATOM   236 N N   . VAL A 1 33  ? 18.189  10.495  3.888   1.00 51.80 ? 42  VAL A N   1 
ATOM   237 C CA  . VAL A 1 33  ? 18.729  10.967  2.645   1.00 52.16 ? 42  VAL A CA  1 
ATOM   238 C C   . VAL A 1 33  ? 19.268  12.303  3.038   1.00 54.12 ? 42  VAL A C   1 
ATOM   239 O O   . VAL A 1 33  ? 18.804  12.990  3.935   1.00 50.96 ? 42  VAL A O   1 
ATOM   240 C CB  . VAL A 1 33  ? 17.680  11.131  1.518   1.00 49.91 ? 42  VAL A CB  1 
ATOM   241 C CG1 . VAL A 1 33  ? 16.996  9.788   1.459   1.00 51.66 ? 42  VAL A CG1 1 
ATOM   242 C CG2 . VAL A 1 33  ? 16.687  12.250  1.695   1.00 50.98 ? 42  VAL A CG2 1 
ATOM   243 N N   . ASN A 1 34  ? 20.367  12.593  2.417   1.00 59.89 ? 43  ASN A N   1 
ATOM   244 C CA  . ASN A 1 34  ? 21.003  13.861  2.623   1.00 65.28 ? 43  ASN A CA  1 
ATOM   245 C C   . ASN A 1 34  ? 20.654  14.539  1.322   1.00 68.68 ? 43  ASN A C   1 
ATOM   246 O O   . ASN A 1 34  ? 20.935  13.958  0.269   1.00 70.85 ? 43  ASN A O   1 
ATOM   247 C CB  . ASN A 1 34  ? 22.521  13.701  2.739   1.00 67.08 ? 43  ASN A CB  1 
ATOM   248 C CG  . ASN A 1 34  ? 23.294  15.011  2.866   1.00 69.53 ? 43  ASN A CG  1 
ATOM   249 O OD1 . ASN A 1 34  ? 22.797  16.091  2.563   1.00 73.12 ? 43  ASN A OD1 1 
ATOM   250 N ND2 . ASN A 1 34  ? 24.546  15.029  3.304   1.00 69.92 ? 43  ASN A ND2 1 
ATOM   251 N N   . ILE A 1 35  ? 19.937  15.638  1.300   1.00 71.13 ? 44  ILE A N   1 
ATOM   252 C CA  . ILE A 1 35  ? 19.862  16.358  0.055   1.00 74.28 ? 44  ILE A CA  1 
ATOM   253 C C   . ILE A 1 35  ? 20.386  17.698  0.552   1.00 75.79 ? 44  ILE A C   1 
ATOM   254 O O   . ILE A 1 35  ? 20.004  18.304  1.560   1.00 75.10 ? 44  ILE A O   1 
ATOM   255 C CB  . ILE A 1 35  ? 18.405  16.382  -0.527  1.00 75.85 ? 44  ILE A CB  1 
ATOM   256 C CG1 . ILE A 1 35  ? 17.273  16.400  0.495   1.00 78.84 ? 44  ILE A CG1 1 
ATOM   257 C CG2 . ILE A 1 35  ? 18.308  15.124  -1.362  1.00 75.01 ? 44  ILE A CG2 1 
ATOM   258 C CD1 . ILE A 1 35  ? 16.936  17.828  0.977   1.00 82.19 ? 44  ILE A CD1 1 
ATOM   259 N N   . ASN A 1 36  ? 21.495  17.962  -0.121  1.00 77.22 ? 45  ASN A N   1 
ATOM   260 C CA  . ASN A 1 36  ? 22.357  19.094  0.130   1.00 78.16 ? 45  ASN A CA  1 
ATOM   261 C C   . ASN A 1 36  ? 22.663  19.417  1.582   1.00 78.48 ? 45  ASN A C   1 
ATOM   262 O O   . ASN A 1 36  ? 22.072  20.228  2.302   1.00 78.20 ? 45  ASN A O   1 
ATOM   263 C CB  . ASN A 1 36  ? 21.748  20.256  -0.625  1.00 79.96 ? 45  ASN A CB  1 
ATOM   264 C CG  . ASN A 1 36  ? 22.082  19.990  -2.092  1.00 84.02 ? 45  ASN A CG  1 
ATOM   265 O OD1 . ASN A 1 36  ? 21.777  18.933  -2.665  1.00 83.98 ? 45  ASN A OD1 1 
ATOM   266 N ND2 . ASN A 1 36  ? 22.788  20.913  -2.735  1.00 86.40 ? 45  ASN A ND2 1 
ATOM   267 N N   . ASN A 1 37  ? 23.594  18.549  1.974   1.00 77.96 ? 46  ASN A N   1 
ATOM   268 C CA  . ASN A 1 37  ? 24.299  18.534  3.245   1.00 78.73 ? 46  ASN A CA  1 
ATOM   269 C C   . ASN A 1 37  ? 23.458  18.510  4.492   1.00 77.35 ? 46  ASN A C   1 
ATOM   270 O O   . ASN A 1 37  ? 23.982  18.607  5.608   1.00 76.41 ? 46  ASN A O   1 
ATOM   271 C CB  . ASN A 1 37  ? 25.249  19.720  3.265   1.00 83.50 ? 46  ASN A CB  1 
ATOM   272 C CG  . ASN A 1 37  ? 26.272  19.635  2.125   1.00 89.45 ? 46  ASN A CG  1 
ATOM   273 O OD1 . ASN A 1 37  ? 26.152  18.831  1.178   1.00 91.32 ? 46  ASN A OD1 1 
ATOM   274 N ND2 . ASN A 1 37  ? 27.307  20.479  2.153   1.00 90.65 ? 46  ASN A ND2 1 
ATOM   275 N N   . SER A 1 38  ? 22.175  18.231  4.272   1.00 75.99 ? 47  SER A N   1 
ATOM   276 C CA  . SER A 1 38  ? 21.183  18.166  5.315   1.00 75.14 ? 47  SER A CA  1 
ATOM   277 C C   . SER A 1 38  ? 20.393  16.885  5.083   1.00 72.10 ? 47  SER A C   1 
ATOM   278 O O   . SER A 1 38  ? 20.089  16.476  3.954   1.00 69.96 ? 47  SER A O   1 
ATOM   279 C CB  . SER A 1 38  ? 20.305  19.396  5.215   1.00 76.85 ? 47  SER A CB  1 
ATOM   280 O OG  . SER A 1 38  ? 19.726  19.560  3.929   1.00 79.67 ? 47  SER A OG  1 
ATOM   281 N N   . VAL A 1 39  ? 20.093  16.224  6.188   1.00 69.21 ? 48  VAL A N   1 
ATOM   282 C CA  . VAL A 1 39  ? 19.459  14.927  6.090   1.00 68.04 ? 48  VAL A CA  1 
ATOM   283 C C   . VAL A 1 39  ? 17.947  14.913  6.314   1.00 64.65 ? 48  VAL A C   1 
ATOM   284 O O   . VAL A 1 39  ? 17.365  15.796  6.946   1.00 66.72 ? 48  VAL A O   1 
ATOM   285 C CB  . VAL A 1 39  ? 20.171  13.938  7.084   1.00 70.11 ? 48  VAL A CB  1 
ATOM   286 C CG1 . VAL A 1 39  ? 21.652  13.850  6.719   1.00 72.02 ? 48  VAL A CG1 1 
ATOM   287 C CG2 . VAL A 1 39  ? 20.043  14.395  8.538   1.00 72.24 ? 48  VAL A CG2 1 
ATOM   288 N N   . PHE A 1 40  ? 17.277  13.873  5.847   1.00 60.12 ? 49  PHE A N   1 
ATOM   289 C CA  . PHE A 1 40  ? 15.848  13.684  5.967   1.00 54.10 ? 49  PHE A CA  1 
ATOM   290 C C   . PHE A 1 40  ? 15.660  12.229  6.305   1.00 47.91 ? 49  PHE A C   1 
ATOM   291 O O   . PHE A 1 40  ? 16.396  11.428  5.753   1.00 45.15 ? 49  PHE A O   1 
ATOM   292 C CB  . PHE A 1 40  ? 15.124  13.920  4.653   1.00 60.14 ? 49  PHE A CB  1 
ATOM   293 C CG  . PHE A 1 40  ? 14.798  15.371  4.467   1.00 65.78 ? 49  PHE A CG  1 
ATOM   294 C CD1 . PHE A 1 40  ? 15.789  16.265  4.117   1.00 69.53 ? 49  PHE A CD1 1 
ATOM   295 C CD2 . PHE A 1 40  ? 13.522  15.804  4.746   1.00 69.41 ? 49  PHE A CD2 1 
ATOM   296 C CE1 . PHE A 1 40  ? 15.493  17.614  4.064   1.00 71.52 ? 49  PHE A CE1 1 
ATOM   297 C CE2 . PHE A 1 40  ? 13.238  17.159  4.687   1.00 71.37 ? 49  PHE A CE2 1 
ATOM   298 C CZ  . PHE A 1 40  ? 14.221  18.067  4.351   1.00 71.19 ? 49  PHE A CZ  1 
ATOM   299 N N   . ARG A 1 41  ? 14.763  11.828  7.189   1.00 40.52 ? 50  ARG A N   1 
ATOM   300 C CA  . ARG A 1 41  ? 14.435  10.439  7.329   1.00 35.01 ? 50  ARG A CA  1 
ATOM   301 C C   . ARG A 1 41  ? 13.364  10.261  6.263   1.00 34.53 ? 50  ARG A C   1 
ATOM   302 O O   . ARG A 1 41  ? 12.574  11.166  5.987   1.00 39.10 ? 50  ARG A O   1 
ATOM   303 C CB  . ARG A 1 41  ? 13.880  10.195  8.679   1.00 30.80 ? 50  ARG A CB  1 
ATOM   304 C CG  . ARG A 1 41  ? 13.306  8.815   8.725   1.00 32.00 ? 50  ARG A CG  1 
ATOM   305 C CD  . ARG A 1 41  ? 12.921  8.421   10.124  1.00 32.18 ? 50  ARG A CD  1 
ATOM   306 N NE  . ARG A 1 41  ? 14.211  8.205   10.699  1.00 34.87 ? 50  ARG A NE  1 
ATOM   307 C CZ  . ARG A 1 41  ? 14.735  6.997   10.842  1.00 31.92 ? 50  ARG A CZ  1 
ATOM   308 N NH1 . ARG A 1 41  ? 14.112  5.884   10.508  1.00 28.76 ? 50  ARG A NH1 1 
ATOM   309 N NH2 . ARG A 1 41  ? 16.004  6.967   11.163  1.00 32.08 ? 50  ARG A NH2 1 
ATOM   310 N N   . GLN A 1 42  ? 13.282  9.127   5.602   1.00 30.94 ? 51  GLN A N   1 
ATOM   311 C CA  . GLN A 1 42  ? 12.302  8.902   4.577   1.00 27.42 ? 51  GLN A CA  1 
ATOM   312 C C   . GLN A 1 42  ? 11.005  8.395   5.188   1.00 27.83 ? 51  GLN A C   1 
ATOM   313 O O   . GLN A 1 42  ? 11.096  7.360   5.810   1.00 30.81 ? 51  GLN A O   1 
ATOM   314 C CB  . GLN A 1 42  ? 12.883  7.883   3.581   1.00 27.88 ? 51  GLN A CB  1 
ATOM   315 C CG  . GLN A 1 42  ? 14.119  8.307   2.786   1.00 24.65 ? 51  GLN A CG  1 
ATOM   316 C CD  . GLN A 1 42  ? 14.254  7.501   1.523   1.00 28.13 ? 51  GLN A CD  1 
ATOM   317 O OE1 . GLN A 1 42  ? 13.900  7.970   0.445   1.00 31.40 ? 51  GLN A OE1 1 
ATOM   318 N NE2 . GLN A 1 42  ? 14.719  6.273   1.542   1.00 27.69 ? 51  GLN A NE2 1 
ATOM   319 N N   . TYR A 1 43  ? 9.797   8.987   5.062   1.00 30.23 ? 52  TYR A N   1 
ATOM   320 C CA  . TYR A 1 43  ? 8.527   8.513   5.617   1.00 25.89 ? 52  TYR A CA  1 
ATOM   321 C C   . TYR A 1 43  ? 7.574   8.119   4.529   1.00 24.30 ? 52  TYR A C   1 
ATOM   322 O O   . TYR A 1 43  ? 7.725   8.662   3.448   1.00 26.26 ? 52  TYR A O   1 
ATOM   323 C CB  . TYR A 1 43  ? 7.836   9.569   6.412   1.00 30.07 ? 52  TYR A CB  1 
ATOM   324 C CG  . TYR A 1 43  ? 8.556   9.767   7.737   1.00 35.43 ? 52  TYR A CG  1 
ATOM   325 C CD1 . TYR A 1 43  ? 8.264   8.955   8.814   1.00 34.97 ? 52  TYR A CD1 1 
ATOM   326 C CD2 . TYR A 1 43  ? 9.499   10.776  7.858   1.00 37.77 ? 52  TYR A CD2 1 
ATOM   327 C CE1 . TYR A 1 43  ? 8.916   9.162   10.006  1.00 36.11 ? 52  TYR A CE1 1 
ATOM   328 C CE2 . TYR A 1 43  ? 10.154  10.983  9.052   1.00 35.19 ? 52  TYR A CE2 1 
ATOM   329 C CZ  . TYR A 1 43  ? 9.845   10.172  10.105  1.00 35.70 ? 52  TYR A CZ  1 
ATOM   330 O OH  . TYR A 1 43  ? 10.484  10.401  11.303  1.00 40.62 ? 52  TYR A OH  1 
ATOM   331 N N   . PHE A 1 44  ? 6.629   7.179   4.730   1.00 22.29 ? 53  PHE A N   1 
ATOM   332 C CA  . PHE A 1 44  ? 5.682   6.707   3.730   1.00 18.61 ? 53  PHE A CA  1 
ATOM   333 C C   . PHE A 1 44  ? 4.402   6.659   4.487   1.00 20.86 ? 53  PHE A C   1 
ATOM   334 O O   . PHE A 1 44  ? 4.404   6.202   5.611   1.00 23.42 ? 53  PHE A O   1 
ATOM   335 C CB  . PHE A 1 44  ? 6.026   5.333   3.233   1.00 15.43 ? 53  PHE A CB  1 
ATOM   336 C CG  . PHE A 1 44  ? 7.422   5.350   2.571   1.00 23.89 ? 53  PHE A CG  1 
ATOM   337 C CD1 . PHE A 1 44  ? 7.621   5.878   1.311   1.00 25.04 ? 53  PHE A CD1 1 
ATOM   338 C CD2 . PHE A 1 44  ? 8.543   4.882   3.247   1.00 23.71 ? 53  PHE A CD2 1 
ATOM   339 C CE1 . PHE A 1 44  ? 8.887   5.943   0.755   1.00 24.79 ? 53  PHE A CE1 1 
ATOM   340 C CE2 . PHE A 1 44  ? 9.802   4.945   2.694   1.00 21.25 ? 53  PHE A CE2 1 
ATOM   341 C CZ  . PHE A 1 44  ? 9.978   5.482   1.438   1.00 22.74 ? 53  PHE A CZ  1 
ATOM   342 N N   . PHE A 1 45  ? 3.315   7.227   3.977   1.00 22.85 ? 54  PHE A N   1 
ATOM   343 C CA  . PHE A 1 45  ? 1.995   7.229   4.595   1.00 21.76 ? 54  PHE A CA  1 
ATOM   344 C C   . PHE A 1 45  ? 1.294   6.041   3.935   1.00 22.85 ? 54  PHE A C   1 
ATOM   345 O O   . PHE A 1 45  ? 1.069   6.113   2.729   1.00 24.94 ? 54  PHE A O   1 
ATOM   346 C CB  . PHE A 1 45  ? 1.311   8.575   4.278   1.00 20.08 ? 54  PHE A CB  1 
ATOM   347 C CG  . PHE A 1 45  ? -0.102  8.643   4.821   1.00 25.14 ? 54  PHE A CG  1 
ATOM   348 C CD1 . PHE A 1 45  ? -0.353  8.563   6.168   1.00 26.80 ? 54  PHE A CD1 1 
ATOM   349 C CD2 . PHE A 1 45  ? -1.164  8.704   3.971   1.00 25.84 ? 54  PHE A CD2 1 
ATOM   350 C CE1 . PHE A 1 45  ? -1.647  8.532   6.654   1.00 26.11 ? 54  PHE A CE1 1 
ATOM   351 C CE2 . PHE A 1 45  ? -2.453  8.670   4.463   1.00 26.08 ? 54  PHE A CE2 1 
ATOM   352 C CZ  . PHE A 1 45  ? -2.706  8.581   5.800   1.00 23.90 ? 54  PHE A CZ  1 
ATOM   353 N N   . GLU A 1 46  ? 0.964   4.927   4.612   1.00 22.94 ? 55  GLU A N   1 
ATOM   354 C CA  . GLU A 1 46  ? 0.375   3.773   3.945   1.00 21.84 ? 55  GLU A CA  1 
ATOM   355 C C   . GLU A 1 46  ? -0.986  3.497   4.500   1.00 22.51 ? 55  GLU A C   1 
ATOM   356 O O   . GLU A 1 46  ? -1.218  3.718   5.687   1.00 24.16 ? 55  GLU A O   1 
ATOM   357 C CB  . GLU A 1 46  ? 1.127   2.483   4.142   1.00 24.10 ? 55  GLU A CB  1 
ATOM   358 C CG  . GLU A 1 46  ? 2.585   2.719   3.919   1.00 29.35 ? 55  GLU A CG  1 
ATOM   359 C CD  . GLU A 1 46  ? 3.420   1.484   3.710   1.00 37.05 ? 55  GLU A CD  1 
ATOM   360 O OE1 . GLU A 1 46  ? 3.036   0.604   2.935   1.00 46.12 ? 55  GLU A OE1 1 
ATOM   361 O OE2 . GLU A 1 46  ? 4.496   1.423   4.279   1.00 39.78 ? 55  GLU A OE2 1 
ATOM   362 N N   . THR A 1 47  ? -1.860  2.975   3.662   1.00 22.06 ? 56  THR A N   1 
ATOM   363 C CA  . THR A 1 47  ? -3.207  2.625   4.036   1.00 22.37 ? 56  THR A CA  1 
ATOM   364 C C   . THR A 1 47  ? -3.365  1.219   3.506   1.00 24.31 ? 56  THR A C   1 
ATOM   365 O O   . THR A 1 47  ? -2.909  0.922   2.401   1.00 25.51 ? 56  THR A O   1 
ATOM   366 C CB  . THR A 1 47  ? -4.209  3.609   3.400   1.00 21.50 ? 56  THR A CB  1 
ATOM   367 O OG1 . THR A 1 47  ? -3.953  4.908   3.972   1.00 21.59 ? 56  THR A OG1 1 
ATOM   368 C CG2 . THR A 1 47  ? -5.647  3.252   3.677   1.00 14.95 ? 56  THR A CG2 1 
ATOM   369 N N   . LYS A 1 48  ? -3.872  0.355   4.385   1.00 24.45 ? 57  LYS A N   1 
ATOM   370 C CA  . LYS A 1 48  ? -4.027  -1.060  4.167   1.00 24.51 ? 57  LYS A CA  1 
ATOM   371 C C   . LYS A 1 48  ? -5.441  -1.471  4.480   1.00 23.95 ? 57  LYS A C   1 
ATOM   372 O O   . LYS A 1 48  ? -6.150  -0.804  5.225   1.00 23.56 ? 57  LYS A O   1 
ATOM   373 C CB  . LYS A 1 48  ? -3.198  -1.874  5.110   1.00 30.01 ? 57  LYS A CB  1 
ATOM   374 C CG  . LYS A 1 48  ? -1.764  -2.055  4.751   1.00 36.14 ? 57  LYS A CG  1 
ATOM   375 C CD  . LYS A 1 48  ? -0.838  -1.310  5.683   1.00 42.61 ? 57  LYS A CD  1 
ATOM   376 C CE  . LYS A 1 48  ? 0.541   -1.778  5.209   1.00 48.58 ? 57  LYS A CE  1 
ATOM   377 N NZ  . LYS A 1 48  ? 1.498   -0.679  5.122   1.00 57.05 ? 57  LYS A NZ  1 
ATOM   378 N N   . CYS A 1 49  ? -5.867  -2.607  3.993   1.00 23.33 ? 58  CYS A N   1 
ATOM   379 C CA  . CYS A 1 49  ? -7.139  -3.135  4.384   1.00 25.56 ? 58  CYS A CA  1 
ATOM   380 C C   . CYS A 1 49  ? -7.018  -3.690  5.769   1.00 25.84 ? 58  CYS A C   1 
ATOM   381 O O   . CYS A 1 49  ? -5.982  -4.205  6.165   1.00 30.95 ? 58  CYS A O   1 
ATOM   382 C CB  . CYS A 1 49  ? -7.574  -4.256  3.486   1.00 26.29 ? 58  CYS A CB  1 
ATOM   383 S SG  . CYS A 1 49  ? -7.985  -3.670  1.823   1.00 27.24 ? 58  CYS A SG  1 
ATOM   384 N N   . ARG A 1 50  ? -8.061  -3.556  6.549   1.00 28.14 ? 59  ARG A N   1 
ATOM   385 C CA  . ARG A 1 50  ? -8.113  -4.180  7.838   1.00 29.05 ? 59  ARG A CA  1 
ATOM   386 C C   . ARG A 1 50  ? -8.494  -5.626  7.510   1.00 30.44 ? 59  ARG A C   1 
ATOM   387 O O   . ARG A 1 50  ? -8.028  -6.568  8.162   1.00 32.10 ? 59  ARG A O   1 
ATOM   388 C CB  . ARG A 1 50  ? -9.168  -3.459  8.688   1.00 28.31 ? 59  ARG A CB  1 
ATOM   389 C CG  . ARG A 1 50  ? -9.579  -4.174  9.966   1.00 27.11 ? 59  ARG A CG  1 
ATOM   390 C CD  . ARG A 1 50  ? -10.973 -3.758  10.414  1.00 27.52 ? 59  ARG A CD  1 
ATOM   391 N NE  . ARG A 1 50  ? -11.490 -4.951  11.027  1.00 33.87 ? 59  ARG A NE  1 
ATOM   392 C CZ  . ARG A 1 50  ? -12.551 -5.626  10.628  1.00 31.47 ? 59  ARG A CZ  1 
ATOM   393 N NH1 . ARG A 1 50  ? -13.297 -5.276  9.620   1.00 34.46 ? 59  ARG A NH1 1 
ATOM   394 N NH2 . ARG A 1 50  ? -12.805 -6.778  11.202  1.00 37.18 ? 59  ARG A NH2 1 
ATOM   395 N N   . ALA A 1 51  ? -9.287  -5.936  6.491   1.00 28.06 ? 60  ALA A N   1 
ATOM   396 C CA  . ALA A 1 51  ? -9.684  -7.316  6.307   1.00 26.69 ? 60  ALA A CA  1 
ATOM   397 C C   . ALA A 1 51  ? -10.139 -7.490  4.908   1.00 28.67 ? 60  ALA A C   1 
ATOM   398 O O   . ALA A 1 51  ? -10.684 -6.529  4.392   1.00 31.35 ? 60  ALA A O   1 
ATOM   399 C CB  . ALA A 1 51  ? -10.859 -7.660  7.157   1.00 26.13 ? 60  ALA A CB  1 
ATOM   400 N N   . SER A 1 52  ? -9.963  -8.603  4.245   1.00 28.13 ? 61  SER A N   1 
ATOM   401 C CA  . SER A 1 52  ? -10.584 -8.797  2.951   1.00 32.10 ? 61  SER A CA  1 
ATOM   402 C C   . SER A 1 52  ? -12.088 -8.959  3.056   1.00 33.18 ? 61  SER A C   1 
ATOM   403 O O   . SER A 1 52  ? -12.808 -8.776  2.077   1.00 32.03 ? 61  SER A O   1 
ATOM   404 C CB  . SER A 1 52  ? -9.978  -10.022 2.333   1.00 33.54 ? 61  SER A CB  1 
ATOM   405 O OG  . SER A 1 52  ? -8.621  -9.608  2.183   1.00 43.69 ? 61  SER A OG  1 
ATOM   406 N N   . ASN A 1 53  ? -12.603 -9.330  4.233   1.00 33.92 ? 62  ASN A N   1 
ATOM   407 C CA  . ASN A 1 53  ? -14.029 -9.515  4.407   1.00 33.00 ? 62  ASN A CA  1 
ATOM   408 C C   . ASN A 1 53  ? -14.480 -8.793  5.653   1.00 30.56 ? 62  ASN A C   1 
ATOM   409 O O   . ASN A 1 53  ? -14.673 -9.436  6.662   1.00 31.08 ? 62  ASN A O   1 
ATOM   410 C CB  . ASN A 1 53  ? -14.320 -10.975 4.518   1.00 37.30 ? 62  ASN A CB  1 
ATOM   411 C CG  . ASN A 1 53  ? -14.110 -11.673 3.188   1.00 46.11 ? 62  ASN A CG  1 
ATOM   412 O OD1 . ASN A 1 53  ? -12.994 -11.694 2.668   1.00 54.54 ? 62  ASN A OD1 1 
ATOM   413 N ND2 . ASN A 1 53  ? -15.089 -12.300 2.547   1.00 51.38 ? 62  ASN A ND2 1 
ATOM   414 N N   . PRO A 1 54  ? -14.664 -7.471  5.734   1.00 28.76 ? 63  PRO A N   1 
ATOM   415 C CA  . PRO A 1 54  ? -14.964 -6.799  6.979   1.00 25.61 ? 63  PRO A CA  1 
ATOM   416 C C   . PRO A 1 54  ? -16.260 -7.350  7.471   1.00 24.56 ? 63  PRO A C   1 
ATOM   417 O O   . PRO A 1 54  ? -16.562 -7.225  8.646   1.00 28.53 ? 63  PRO A O   1 
ATOM   418 C CB  . PRO A 1 54  ? -14.998 -5.345  6.609   1.00 25.46 ? 63  PRO A CB  1 
ATOM   419 C CG  . PRO A 1 54  ? -15.428 -5.334  5.170   1.00 24.03 ? 63  PRO A CG  1 
ATOM   420 C CD  . PRO A 1 54  ? -14.672 -6.523  4.613   1.00 27.19 ? 63  PRO A CD  1 
ATOM   421 N N   . VAL A 1 55  ? -17.034 -8.005  6.611   1.00 24.54 ? 64  VAL A N   1 
ATOM   422 C CA  . VAL A 1 55  ? -18.309 -8.570  7.003   1.00 26.06 ? 64  VAL A CA  1 
ATOM   423 C C   . VAL A 1 55  ? -18.234 -9.961  6.361   1.00 28.74 ? 64  VAL A C   1 
ATOM   424 O O   . VAL A 1 55  ? -17.424 -10.171 5.453   1.00 28.26 ? 64  VAL A O   1 
ATOM   425 C CB  . VAL A 1 55  ? -19.246 -7.488  6.455   1.00 26.95 ? 64  VAL A CB  1 
ATOM   426 C CG1 . VAL A 1 55  ? -19.935 -7.941  5.198   1.00 27.35 ? 64  VAL A CG1 1 
ATOM   427 C CG2 . VAL A 1 55  ? -20.107 -7.047  7.575   1.00 22.64 ? 64  VAL A CG2 1 
ATOM   428 N N   . GLU A 1 56  ? -18.983 -10.975 6.801   1.00 33.37 ? 65  GLU A N   1 
ATOM   429 C CA  . GLU A 1 56  ? -18.832 -12.340 6.305   1.00 37.36 ? 65  GLU A CA  1 
ATOM   430 C C   . GLU A 1 56  ? -18.987 -12.484 4.805   1.00 37.83 ? 65  GLU A C   1 
ATOM   431 O O   . GLU A 1 56  ? -18.293 -13.317 4.227   1.00 36.15 ? 65  GLU A O   1 
ATOM   432 C CB  . GLU A 1 56  ? -19.848 -13.322 6.923   1.00 42.43 ? 65  GLU A CB  1 
ATOM   433 C CG  . GLU A 1 56  ? -19.764 -13.748 8.402   1.00 53.52 ? 65  GLU A CG  1 
ATOM   434 C CD  . GLU A 1 56  ? -20.500 -12.916 9.481   1.00 60.46 ? 65  GLU A CD  1 
ATOM   435 O OE1 . GLU A 1 56  ? -20.520 -11.670 9.438   1.00 62.78 ? 65  GLU A OE1 1 
ATOM   436 O OE2 . GLU A 1 56  ? -21.054 -13.539 10.401  1.00 62.31 ? 65  GLU A OE2 1 
ATOM   437 N N   . SER A 1 57  ? -19.869 -11.686 4.163   1.00 38.04 ? 66  SER A N   1 
ATOM   438 C CA  . SER A 1 57  ? -20.145 -11.767 2.722   1.00 36.48 ? 66  SER A CA  1 
ATOM   439 C C   . SER A 1 57  ? -19.174 -11.046 1.805   1.00 33.01 ? 66  SER A C   1 
ATOM   440 O O   . SER A 1 57  ? -19.340 -11.177 0.597   1.00 37.77 ? 66  SER A O   1 
ATOM   441 C CB  . SER A 1 57  ? -21.516 -11.218 2.394   1.00 36.29 ? 66  SER A CB  1 
ATOM   442 O OG  . SER A 1 57  ? -21.585 -9.812  2.601   1.00 45.41 ? 66  SER A OG  1 
ATOM   443 N N   . GLY A 1 58  ? -18.239 -10.265 2.316   1.00 27.62 ? 67  GLY A N   1 
ATOM   444 C CA  . GLY A 1 58  ? -17.292 -9.592  1.510   1.00 25.50 ? 67  GLY A CA  1 
ATOM   445 C C   . GLY A 1 58  ? -17.243 -8.163  1.983   1.00 26.32 ? 67  GLY A C   1 
ATOM   446 O O   . GLY A 1 58  ? -17.027 -7.962  3.176   1.00 26.61 ? 67  GLY A O   1 
ATOM   447 N N   . CYS A 1 59  ? -17.459 -7.170  1.122   1.00 24.87 ? 68  CYS A N   1 
ATOM   448 C CA  . CYS A 1 59  ? -17.354 -5.767  1.496   1.00 24.27 ? 68  CYS A CA  1 
ATOM   449 C C   . CYS A 1 59  ? -18.661 -5.361  2.121   1.00 24.17 ? 68  CYS A C   1 
ATOM   450 O O   . CYS A 1 59  ? -19.645 -6.079  1.889   1.00 24.42 ? 68  CYS A O   1 
ATOM   451 C CB  . CYS A 1 59  ? -17.185 -4.860  0.326   1.00 21.78 ? 68  CYS A CB  1 
ATOM   452 S SG  . CYS A 1 59  ? -16.086 -5.474  -0.949  1.00 27.14 ? 68  CYS A SG  1 
ATOM   453 N N   . ARG A 1 60  ? -18.731 -4.231  2.846   1.00 25.12 ? 69  ARG A N   1 
ATOM   454 C CA  . ARG A 1 60  ? -19.963 -3.814  3.516   1.00 29.04 ? 69  ARG A CA  1 
ATOM   455 C C   . ARG A 1 60  ? -20.940 -3.208  2.525   1.00 31.97 ? 69  ARG A C   1 
ATOM   456 O O   . ARG A 1 60  ? -20.518 -2.586  1.555   1.00 31.62 ? 69  ARG A O   1 
ATOM   457 C CB  . ARG A 1 60  ? -19.717 -2.765  4.608   1.00 28.25 ? 69  ARG A CB  1 
ATOM   458 C CG  . ARG A 1 60  ? -18.775 -3.274  5.665   1.00 25.33 ? 69  ARG A CG  1 
ATOM   459 C CD  . ARG A 1 60  ? -18.602 -2.124  6.606   1.00 30.49 ? 69  ARG A CD  1 
ATOM   460 N NE  . ARG A 1 60  ? -17.625 -2.392  7.639   1.00 29.97 ? 69  ARG A NE  1 
ATOM   461 C CZ  . ARG A 1 60  ? -17.932 -3.177  8.674   1.00 34.85 ? 69  ARG A CZ  1 
ATOM   462 N NH1 . ARG A 1 60  ? -19.131 -3.746  8.795   1.00 34.55 ? 69  ARG A NH1 1 
ATOM   463 N NH2 . ARG A 1 60  ? -17.042 -3.410  9.622   1.00 31.02 ? 69  ARG A NH2 1 
ATOM   464 N N   . GLY A 1 61  ? -22.238 -3.420  2.706   1.00 32.12 ? 70  GLY A N   1 
ATOM   465 C CA  . GLY A 1 61  ? -23.219 -2.845  1.834   1.00 32.92 ? 70  GLY A CA  1 
ATOM   466 C C   . GLY A 1 61  ? -23.346 -3.516  0.473   1.00 34.51 ? 70  GLY A C   1 
ATOM   467 O O   . GLY A 1 61  ? -24.337 -3.203  -0.197  1.00 35.70 ? 70  GLY A O   1 
ATOM   468 N N   . ILE A 1 62  ? -22.493 -4.417  -0.022  1.00 34.74 ? 71  ILE A N   1 
ATOM   469 C CA  . ILE A 1 62  ? -22.685 -4.925  -1.361  1.00 35.39 ? 71  ILE A CA  1 
ATOM   470 C C   . ILE A 1 62  ? -23.925 -5.783  -1.477  1.00 40.35 ? 71  ILE A C   1 
ATOM   471 O O   . ILE A 1 62  ? -24.356 -6.345  -0.474  1.00 42.61 ? 71  ILE A O   1 
ATOM   472 C CB  . ILE A 1 62  ? -21.419 -5.665  -1.749  1.00 30.67 ? 71  ILE A CB  1 
ATOM   473 C CG1 . ILE A 1 62  ? -20.561 -4.716  -2.523  1.00 27.51 ? 71  ILE A CG1 1 
ATOM   474 C CG2 . ILE A 1 62  ? -21.656 -6.758  -2.768  1.00 28.47 ? 71  ILE A CG2 1 
ATOM   475 C CD1 . ILE A 1 62  ? -20.249 -3.392  -1.906  1.00 29.00 ? 71  ILE A CD1 1 
ATOM   476 N N   . ASP A 1 63  ? -24.568 -5.843  -2.651  1.00 44.64 ? 72  ASP A N   1 
ATOM   477 C CA  . ASP A 1 63  ? -25.725 -6.698  -2.878  1.00 46.41 ? 72  ASP A CA  1 
ATOM   478 C C   . ASP A 1 63  ? -25.338 -8.156  -3.167  1.00 48.62 ? 72  ASP A C   1 
ATOM   479 O O   . ASP A 1 63  ? -25.377 -8.636  -4.312  1.00 47.17 ? 72  ASP A O   1 
ATOM   480 C CB  . ASP A 1 63  ? -26.518 -6.112  -4.026  1.00 48.17 ? 72  ASP A CB  1 
ATOM   481 C CG  . ASP A 1 63  ? -27.770 -6.916  -4.320  1.00 53.43 ? 72  ASP A CG  1 
ATOM   482 O OD1 . ASP A 1 63  ? -28.745 -6.848  -3.557  1.00 57.78 ? 72  ASP A OD1 1 
ATOM   483 O OD2 . ASP A 1 63  ? -27.739 -7.633  -5.313  1.00 53.88 ? 72  ASP A OD2 1 
ATOM   484 N N   . SER A 1 64  ? -25.056 -8.906  -2.090  1.00 51.19 ? 73  SER A N   1 
ATOM   485 C CA  . SER A 1 64  ? -24.553 -10.290 -2.064  1.00 51.97 ? 73  SER A CA  1 
ATOM   486 C C   . SER A 1 64  ? -25.313 -11.392 -2.743  1.00 51.37 ? 73  SER A C   1 
ATOM   487 O O   . SER A 1 64  ? -24.844 -12.513 -2.968  1.00 52.29 ? 73  SER A O   1 
ATOM   488 C CB  . SER A 1 64  ? -24.359 -10.721 -0.622  1.00 54.05 ? 73  SER A CB  1 
ATOM   489 O OG  . SER A 1 64  ? -25.426 -10.259 0.221   1.00 59.52 ? 73  SER A OG  1 
ATOM   490 N N   . LYS A 1 65  ? -26.571 -11.024 -2.894  1.00 52.41 ? 74  LYS A N   1 
ATOM   491 C CA  . LYS A 1 65  ? -27.504 -11.840 -3.616  1.00 54.69 ? 74  LYS A CA  1 
ATOM   492 C C   . LYS A 1 65  ? -27.022 -11.900 -5.053  1.00 53.36 ? 74  LYS A C   1 
ATOM   493 O O   . LYS A 1 65  ? -27.158 -12.939 -5.674  1.00 55.20 ? 74  LYS A O   1 
ATOM   494 C CB  . LYS A 1 65  ? -28.863 -11.191 -3.466  1.00 57.13 ? 74  LYS A CB  1 
ATOM   495 C CG  . LYS A 1 65  ? -29.955 -11.643 -4.423  1.00 64.63 ? 74  LYS A CG  1 
ATOM   496 C CD  . LYS A 1 65  ? -31.324 -11.054 -4.026  1.00 72.61 ? 74  LYS A CD  1 
ATOM   497 C CE  . LYS A 1 65  ? -31.379 -9.549  -3.620  1.00 76.55 ? 74  LYS A CE  1 
ATOM   498 N NZ  . LYS A 1 65  ? -31.203 -8.599  -4.711  1.00 79.58 ? 74  LYS A NZ  1 
ATOM   499 N N   . HIS A 1 66  ? -26.481 -10.818 -5.631  1.00 50.77 ? 75  HIS A N   1 
ATOM   500 C CA  . HIS A 1 66  ? -25.973 -10.881 -6.989  1.00 47.38 ? 75  HIS A CA  1 
ATOM   501 C C   . HIS A 1 66  ? -24.489 -10.865 -7.086  1.00 45.16 ? 75  HIS A C   1 
ATOM   502 O O   . HIS A 1 66  ? -23.956 -11.390 -8.057  1.00 44.88 ? 75  HIS A O   1 
ATOM   503 C CB  . HIS A 1 66  ? -26.408 -9.734  -7.841  1.00 50.59 ? 75  HIS A CB  1 
ATOM   504 C CG  . HIS A 1 66  ? -27.903 -9.731  -7.974  1.00 54.31 ? 75  HIS A CG  1 
ATOM   505 N ND1 . HIS A 1 66  ? -28.776 -8.838  -7.527  1.00 56.52 ? 75  HIS A ND1 1 
ATOM   506 C CD2 . HIS A 1 66  ? -28.597 -10.752 -8.558  1.00 56.53 ? 75  HIS A CD2 1 
ATOM   507 C CE1 . HIS A 1 66  ? -29.977 -9.278  -7.801  1.00 56.21 ? 75  HIS A CE1 1 
ATOM   508 N NE2 . HIS A 1 66  ? -29.849 -10.424 -8.419  1.00 57.52 ? 75  HIS A NE2 1 
ATOM   509 N N   . TRP A 1 67  ? -23.825 -10.262 -6.103  1.00 42.19 ? 76  TRP A N   1 
ATOM   510 C CA  . TRP A 1 67  ? -22.399 -10.024 -6.171  1.00 41.69 ? 76  TRP A CA  1 
ATOM   511 C C   . TRP A 1 67  ? -21.534 -10.738 -5.152  1.00 40.91 ? 76  TRP A C   1 
ATOM   512 O O   . TRP A 1 67  ? -21.880 -10.968 -3.995  1.00 40.66 ? 76  TRP A O   1 
ATOM   513 C CB  . TRP A 1 67  ? -22.140 -8.530  -6.036  1.00 42.17 ? 76  TRP A CB  1 
ATOM   514 C CG  . TRP A 1 67  ? -22.933 -7.720  -7.035  1.00 44.51 ? 76  TRP A CG  1 
ATOM   515 C CD1 . TRP A 1 67  ? -23.986 -6.919  -6.671  1.00 46.99 ? 76  TRP A CD1 1 
ATOM   516 C CD2 . TRP A 1 67  ? -22.716 -7.726  -8.372  1.00 47.85 ? 76  TRP A CD2 1 
ATOM   517 N NE1 . TRP A 1 67  ? -24.440 -6.417  -7.790  1.00 45.87 ? 76  TRP A NE1 1 
ATOM   518 C CE2 . TRP A 1 67  ? -23.709 -6.877  -8.817  1.00 48.33 ? 76  TRP A CE2 1 
ATOM   519 C CE3 . TRP A 1 67  ? -21.827 -8.329  -9.238  1.00 53.23 ? 76  TRP A CE3 1 
ATOM   520 C CZ2 . TRP A 1 67  ? -23.821 -6.619  -10.161 1.00 52.78 ? 76  TRP A CZ2 1 
ATOM   521 C CZ3 . TRP A 1 67  ? -21.945 -8.067  -10.586 1.00 55.33 ? 76  TRP A CZ3 1 
ATOM   522 C CH2 . TRP A 1 67  ? -22.936 -7.218  -11.038 1.00 54.78 ? 76  TRP A CH2 1 
ATOM   523 N N   . ASN A 1 68  ? -20.379 -11.123 -5.597  1.00 39.46 ? 77  ASN A N   1 
ATOM   524 C CA  . ASN A 1 68  ? -19.384 -11.592 -4.692  1.00 39.52 ? 77  ASN A CA  1 
ATOM   525 C C   . ASN A 1 68  ? -18.429 -10.434 -4.524  1.00 38.42 ? 77  ASN A C   1 
ATOM   526 O O   . ASN A 1 68  ? -18.316 -9.617  -5.438  1.00 39.32 ? 77  ASN A O   1 
ATOM   527 C CB  . ASN A 1 68  ? -18.659 -12.750 -5.272  1.00 43.65 ? 77  ASN A CB  1 
ATOM   528 C CG  . ASN A 1 68  ? -19.415 -14.045 -5.062  1.00 47.56 ? 77  ASN A CG  1 
ATOM   529 O OD1 . ASN A 1 68  ? -19.389 -14.884 -5.948  1.00 51.72 ? 77  ASN A OD1 1 
ATOM   530 N ND2 . ASN A 1 68  ? -20.099 -14.360 -3.959  1.00 51.82 ? 77  ASN A ND2 1 
ATOM   531 N N   . SER A 1 69  ? -17.736 -10.317 -3.400  1.00 37.06 ? 78  SER A N   1 
ATOM   532 C CA  . SER A 1 69  ? -16.799 -9.237  -3.155  1.00 33.38 ? 78  SER A CA  1 
ATOM   533 C C   . SER A 1 69  ? -15.785 -9.575  -2.067  1.00 30.08 ? 78  SER A C   1 
ATOM   534 O O   . SER A 1 69  ? -15.924 -10.537 -1.321  1.00 30.43 ? 78  SER A O   1 
ATOM   535 C CB  . SER A 1 69  ? -17.586 -8.004  -2.768  1.00 33.30 ? 78  SER A CB  1 
ATOM   536 O OG  . SER A 1 69  ? -18.486 -8.212  -1.684  1.00 37.35 ? 78  SER A OG  1 
ATOM   537 N N   . TYR A 1 70  ? -14.711 -8.824  -2.058  1.00 26.58 ? 79  TYR A N   1 
ATOM   538 C CA  . TYR A 1 70  ? -13.745 -8.847  -1.005  1.00 25.21 ? 79  TYR A CA  1 
ATOM   539 C C   . TYR A 1 70  ? -13.017 -7.496  -1.060  1.00 26.01 ? 79  TYR A C   1 
ATOM   540 O O   . TYR A 1 70  ? -13.112 -6.820  -2.087  1.00 28.52 ? 79  TYR A O   1 
ATOM   541 C CB  . TYR A 1 70  ? -12.832 -9.997  -1.257  1.00 28.62 ? 79  TYR A CB  1 
ATOM   542 C CG  . TYR A 1 70  ? -12.085 -9.884  -2.558  1.00 33.06 ? 79  TYR A CG  1 
ATOM   543 C CD1 . TYR A 1 70  ? -12.638 -10.376 -3.711  1.00 34.95 ? 79  TYR A CD1 1 
ATOM   544 C CD2 . TYR A 1 70  ? -10.846 -9.277  -2.579  1.00 37.04 ? 79  TYR A CD2 1 
ATOM   545 C CE1 . TYR A 1 70  ? -11.916 -10.251 -4.885  1.00 38.72 ? 79  TYR A CE1 1 
ATOM   546 C CE2 . TYR A 1 70  ? -10.135 -9.144  -3.749  1.00 36.74 ? 79  TYR A CE2 1 
ATOM   547 C CZ  . TYR A 1 70  ? -10.676 -9.638  -4.896  1.00 38.71 ? 79  TYR A CZ  1 
ATOM   548 O OH  . TYR A 1 70  ? -9.964  -9.523  -6.090  1.00 45.87 ? 79  TYR A OH  1 
ATOM   549 N N   . CYS A 1 71  ? -12.304 -6.995  -0.074  1.00 22.91 ? 80  CYS A N   1 
ATOM   550 C CA  . CYS A 1 71  ? -11.564 -5.787  -0.191  1.00 20.26 ? 80  CYS A CA  1 
ATOM   551 C C   . CYS A 1 71  ? -10.136 -6.136  -0.527  1.00 25.75 ? 80  CYS A C   1 
ATOM   552 O O   . CYS A 1 71  ? -9.664  -7.224  -0.180  1.00 29.66 ? 80  CYS A O   1 
ATOM   553 C CB  . CYS A 1 71  ? -11.597 -5.086  1.079   1.00 20.19 ? 80  CYS A CB  1 
ATOM   554 S SG  . CYS A 1 71  ? -13.262 -4.713  1.588   1.00 20.27 ? 80  CYS A SG  1 
ATOM   555 N N   . THR A 1 72  ? -9.408  -5.238  -1.196  1.00 27.63 ? 81  THR A N   1 
ATOM   556 C CA  . THR A 1 72  ? -8.042  -5.440  -1.625  1.00 26.24 ? 81  THR A CA  1 
ATOM   557 C C   . THR A 1 72  ? -7.317  -4.095  -1.511  1.00 27.31 ? 81  THR A C   1 
ATOM   558 O O   . THR A 1 72  ? -7.901  -3.014  -1.672  1.00 25.60 ? 81  THR A O   1 
ATOM   559 C CB  . THR A 1 72  ? -8.107  -5.969  -3.080  1.00 28.76 ? 81  THR A CB  1 
ATOM   560 O OG1 . THR A 1 72  ? -6.825  -6.471  -3.283  1.00 32.35 ? 81  THR A OG1 1 
ATOM   561 C CG2 . THR A 1 72  ? -8.365  -4.971  -4.185  1.00 24.49 ? 81  THR A CG2 1 
ATOM   562 N N   . THR A 1 73  ? -6.015  -4.153  -1.248  1.00 30.59 ? 82  THR A N   1 
ATOM   563 C CA  . THR A 1 73  ? -5.168  -2.975  -1.152  1.00 33.37 ? 82  THR A CA  1 
ATOM   564 C C   . THR A 1 73  ? -4.593  -2.559  -2.501  1.00 35.44 ? 82  THR A C   1 
ATOM   565 O O   . THR A 1 73  ? -4.054  -3.385  -3.253  1.00 35.91 ? 82  THR A O   1 
ATOM   566 C CB  . THR A 1 73  ? -4.026  -3.243  -0.194  1.00 32.51 ? 82  THR A CB  1 
ATOM   567 O OG1 . THR A 1 73  ? -4.571  -3.732  1.031   1.00 41.50 ? 82  THR A OG1 1 
ATOM   568 C CG2 . THR A 1 73  ? -3.334  -1.989  0.191   1.00 34.13 ? 82  THR A CG2 1 
ATOM   569 N N   . THR A 1 74  ? -4.730  -1.273  -2.830  1.00 37.18 ? 83  THR A N   1 
ATOM   570 C CA  . THR A 1 74  ? -4.191  -0.697  -4.035  1.00 36.84 ? 83  THR A CA  1 
ATOM   571 C C   . THR A 1 74  ? -2.937  0.083   -3.661  1.00 36.32 ? 83  THR A C   1 
ATOM   572 O O   . THR A 1 74  ? -2.807  0.476   -2.502  1.00 35.73 ? 83  THR A O   1 
ATOM   573 C CB  . THR A 1 74  ? -5.296  0.182   -4.689  1.00 36.96 ? 83  THR A CB  1 
ATOM   574 O OG1 . THR A 1 74  ? -5.935  1.067   -3.786  1.00 37.70 ? 83  THR A OG1 1 
ATOM   575 C CG2 . THR A 1 74  ? -6.343  -0.762  -5.205  1.00 38.46 ? 83  THR A CG2 1 
ATOM   576 N N   . HIS A 1 75  ? -2.027  0.353   -4.623  1.00 39.05 ? 84  HIS A N   1 
ATOM   577 C CA  . HIS A 1 75  ? -0.675  0.928   -4.426  1.00 40.95 ? 84  HIS A CA  1 
ATOM   578 C C   . HIS A 1 75  ? -0.436  2.168   -5.241  1.00 37.07 ? 84  HIS A C   1 
ATOM   579 O O   . HIS A 1 75  ? -1.015  2.247   -6.310  1.00 41.39 ? 84  HIS A O   1 
ATOM   580 C CB  . HIS A 1 75  ? 0.490   0.040   -4.870  1.00 47.48 ? 84  HIS A CB  1 
ATOM   581 C CG  . HIS A 1 75  ? 0.105   -1.417  -4.910  1.00 56.46 ? 84  HIS A CG  1 
ATOM   582 N ND1 . HIS A 1 75  ? 0.152   -2.341  -3.946  1.00 58.80 ? 84  HIS A ND1 1 
ATOM   583 C CD2 . HIS A 1 75  ? -0.501  -1.954  -6.019  1.00 60.50 ? 84  HIS A CD2 1 
ATOM   584 C CE1 . HIS A 1 75  ? -0.427  -3.416  -4.420  1.00 63.30 ? 84  HIS A CE1 1 
ATOM   585 N NE2 . HIS A 1 75  ? -0.815  -3.169  -5.660  1.00 66.33 ? 84  HIS A NE2 1 
ATOM   586 N N   . THR A 1 76  ? 0.378   3.097   -4.800  1.00 33.99 ? 85  THR A N   1 
ATOM   587 C CA  . THR A 1 76  ? 0.800   4.233   -5.585  1.00 32.56 ? 85  THR A CA  1 
ATOM   588 C C   . THR A 1 76  ? 2.289   3.910   -5.732  1.00 31.79 ? 85  THR A C   1 
ATOM   589 O O   . THR A 1 76  ? 2.756   2.827   -5.339  1.00 31.56 ? 85  THR A O   1 
ATOM   590 C CB  . THR A 1 76  ? 0.530   5.566   -4.805  1.00 31.55 ? 85  THR A CB  1 
ATOM   591 O OG1 . THR A 1 76  ? 0.960   6.644   -5.628  1.00 34.05 ? 85  THR A OG1 1 
ATOM   592 C CG2 . THR A 1 76  ? 1.337   5.727   -3.534  1.00 31.18 ? 85  THR A CG2 1 
ATOM   593 N N   . PHE A 1 77  ? 3.056   4.842   -6.302  1.00 31.58 ? 86  PHE A N   1 
ATOM   594 C CA  . PHE A 1 77  ? 4.489   4.724   -6.512  1.00 28.94 ? 86  PHE A CA  1 
ATOM   595 C C   . PHE A 1 77  ? 5.103   5.995   -6.025  1.00 29.75 ? 86  PHE A C   1 
ATOM   596 O O   . PHE A 1 77  ? 4.638   7.072   -6.414  1.00 33.30 ? 86  PHE A O   1 
ATOM   597 C CB  . PHE A 1 77  ? 4.864   4.612   -7.939  1.00 29.33 ? 86  PHE A CB  1 
ATOM   598 C CG  . PHE A 1 77  ? 4.433   3.272   -8.447  1.00 28.76 ? 86  PHE A CG  1 
ATOM   599 C CD1 . PHE A 1 77  ? 5.274   2.205   -8.241  1.00 29.79 ? 86  PHE A CD1 1 
ATOM   600 C CD2 . PHE A 1 77  ? 3.204   3.153   -9.051  1.00 28.49 ? 86  PHE A CD2 1 
ATOM   601 C CE1 . PHE A 1 77  ? 4.866   0.960   -8.650  1.00 32.29 ? 86  PHE A CE1 1 
ATOM   602 C CE2 . PHE A 1 77  ? 2.809   1.909   -9.453  1.00 32.24 ? 86  PHE A CE2 1 
ATOM   603 C CZ  . PHE A 1 77  ? 3.634   0.820   -9.252  1.00 31.92 ? 86  PHE A CZ  1 
ATOM   604 N N   . VAL A 1 78  ? 6.135   5.875   -5.196  1.00 26.93 ? 87  VAL A N   1 
ATOM   605 C CA  . VAL A 1 78  ? 6.777   7.012   -4.564  1.00 26.17 ? 87  VAL A CA  1 
ATOM   606 C C   . VAL A 1 78  ? 8.241   6.802   -4.829  1.00 26.91 ? 87  VAL A C   1 
ATOM   607 O O   . VAL A 1 78  ? 8.668   5.662   -4.741  1.00 32.01 ? 87  VAL A O   1 
ATOM   608 C CB  . VAL A 1 78  ? 6.435   6.960   -3.078  1.00 22.49 ? 87  VAL A CB  1 
ATOM   609 C CG1 . VAL A 1 78  ? 7.207   7.971   -2.299  1.00 24.85 ? 87  VAL A CG1 1 
ATOM   610 C CG2 . VAL A 1 78  ? 4.994   7.371   -2.902  1.00 21.96 ? 87  VAL A CG2 1 
ATOM   611 N N   . LYS A 1 79  ? 9.058   7.786   -5.154  1.00 28.85 ? 88  LYS A N   1 
ATOM   612 C CA  . LYS A 1 79  ? 10.453  7.549   -5.458  1.00 28.16 ? 88  LYS A CA  1 
ATOM   613 C C   . LYS A 1 79  ? 11.160  7.644   -4.149  1.00 28.85 ? 88  LYS A C   1 
ATOM   614 O O   . LYS A 1 79  ? 10.862  8.548   -3.366  1.00 30.07 ? 88  LYS A O   1 
ATOM   615 C CB  . LYS A 1 79  ? 10.994  8.601   -6.345  1.00 30.00 ? 88  LYS A CB  1 
ATOM   616 C CG  . LYS A 1 79  ? 12.283  8.287   -7.072  1.00 36.75 ? 88  LYS A CG  1 
ATOM   617 C CD  . LYS A 1 79  ? 11.990  8.965   -8.387  1.00 38.67 ? 88  LYS A CD  1 
ATOM   618 C CE  . LYS A 1 79  ? 12.954  8.674   -9.477  1.00 40.94 ? 88  LYS A CE  1 
ATOM   619 N NZ  . LYS A 1 79  ? 12.486  9.329   -10.681 1.00 46.72 ? 88  LYS A NZ  1 
ATOM   620 N N   . ALA A 1 80  ? 12.115  6.771   -3.898  1.00 27.59 ? 89  ALA A N   1 
ATOM   621 C CA  . ALA A 1 80  ? 12.812  6.803   -2.633  1.00 29.26 ? 89  ALA A CA  1 
ATOM   622 C C   . ALA A 1 80  ? 14.249  6.410   -2.855  1.00 28.70 ? 89  ALA A C   1 
ATOM   623 O O   . ALA A 1 80  ? 14.546  5.846   -3.912  1.00 28.78 ? 89  ALA A O   1 
ATOM   624 C CB  . ALA A 1 80  ? 12.220  5.813   -1.671  1.00 27.51 ? 89  ALA A CB  1 
ATOM   625 N N   . LEU A 1 81  ? 15.157  6.739   -1.927  1.00 29.81 ? 90  LEU A N   1 
ATOM   626 C CA  . LEU A 1 81  ? 16.538  6.272   -2.015  1.00 28.40 ? 90  LEU A CA  1 
ATOM   627 C C   . LEU A 1 81  ? 16.565  4.835   -1.532  1.00 29.35 ? 90  LEU A C   1 
ATOM   628 O O   . LEU A 1 81  ? 16.050  4.496   -0.465  1.00 28.50 ? 90  LEU A O   1 
ATOM   629 C CB  . LEU A 1 81  ? 17.395  7.098   -1.160  1.00 25.02 ? 90  LEU A CB  1 
ATOM   630 C CG  . LEU A 1 81  ? 18.851  6.919   -1.418  1.00 27.17 ? 90  LEU A CG  1 
ATOM   631 C CD1 . LEU A 1 81  ? 19.288  7.009   -2.844  1.00 25.23 ? 90  LEU A CD1 1 
ATOM   632 C CD2 . LEU A 1 81  ? 19.460  8.119   -0.805  1.00 28.90 ? 90  LEU A CD2 1 
ATOM   633 N N   . THR A 1 82  ? 17.075  3.991   -2.404  1.00 31.05 ? 91  THR A N   1 
ATOM   634 C CA  . THR A 1 82  ? 17.077  2.567   -2.208  1.00 32.90 ? 91  THR A CA  1 
ATOM   635 C C   . THR A 1 82  ? 18.422  2.002   -2.634  1.00 34.83 ? 91  THR A C   1 
ATOM   636 O O   . THR A 1 82  ? 19.245  2.725   -3.208  1.00 36.07 ? 91  THR A O   1 
ATOM   637 C CB  . THR A 1 82  ? 15.980  1.936   -3.048  1.00 31.56 ? 91  THR A CB  1 
ATOM   638 O OG1 . THR A 1 82  ? 16.284  2.310   -4.378  1.00 31.48 ? 91  THR A OG1 1 
ATOM   639 C CG2 . THR A 1 82  ? 14.589  2.344   -2.636  1.00 31.14 ? 91  THR A CG2 1 
ATOM   640 N N   . THR A 1 83  ? 18.681  0.741   -2.340  1.00 35.23 ? 92  THR A N   1 
ATOM   641 C CA  . THR A 1 83  ? 19.886  0.139   -2.790  1.00 37.23 ? 92  THR A CA  1 
ATOM   642 C C   . THR A 1 83  ? 19.618  -1.299  -3.155  1.00 40.33 ? 92  THR A C   1 
ATOM   643 O O   . THR A 1 83  ? 18.679  -1.901  -2.622  1.00 38.03 ? 92  THR A O   1 
ATOM   644 C CB  . THR A 1 83  ? 20.907  0.266   -1.684  1.00 38.92 ? 92  THR A CB  1 
ATOM   645 O OG1 . THR A 1 83  ? 22.069  0.038   -2.463  1.00 43.43 ? 92  THR A OG1 1 
ATOM   646 C CG2 . THR A 1 83  ? 20.837  -0.675  -0.473  1.00 35.26 ? 92  THR A CG2 1 
ATOM   647 N N   . ASP A 1 84  ? 20.396  -1.844  -4.085  1.00 46.41 ? 93  ASP A N   1 
ATOM   648 C CA  . ASP A 1 84  ? 20.285  -3.256  -4.460  1.00 54.73 ? 93  ASP A CA  1 
ATOM   649 C C   . ASP A 1 84  ? 21.686  -3.892  -4.387  1.00 59.29 ? 93  ASP A C   1 
ATOM   650 O O   . ASP A 1 84  ? 22.621  -3.170  -4.025  1.00 58.09 ? 93  ASP A O   1 
ATOM   651 C CB  . ASP A 1 84  ? 19.727  -3.402  -5.879  1.00 55.32 ? 93  ASP A CB  1 
ATOM   652 C CG  . ASP A 1 84  ? 20.689  -3.028  -7.007  1.00 58.24 ? 93  ASP A CG  1 
ATOM   653 O OD1 . ASP A 1 84  ? 21.266  -1.941  -7.019  1.00 59.49 ? 93  ASP A OD1 1 
ATOM   654 O OD2 . ASP A 1 84  ? 20.868  -3.857  -7.893  1.00 60.57 ? 93  ASP A OD2 1 
ATOM   655 N N   . GLU A 1 85  ? 21.905  -5.159  -4.828  1.00 64.44 ? 94  GLU A N   1 
ATOM   656 C CA  . GLU A 1 85  ? 23.204  -5.840  -4.728  1.00 69.59 ? 94  GLU A CA  1 
ATOM   657 C C   . GLU A 1 85  ? 24.354  -5.024  -5.311  1.00 70.39 ? 94  GLU A C   1 
ATOM   658 O O   . GLU A 1 85  ? 25.510  -5.316  -5.014  1.00 73.31 ? 94  GLU A O   1 
ATOM   659 C CB  . GLU A 1 85  ? 23.168  -7.227  -5.447  1.00 76.12 ? 94  GLU A CB  1 
ATOM   660 C CG  . GLU A 1 85  ? 23.738  -8.538  -4.744  1.00 86.25 ? 94  GLU A CG  1 
ATOM   661 C CD  . GLU A 1 85  ? 25.229  -9.037  -4.775  1.00 92.60 ? 94  GLU A CD  1 
ATOM   662 O OE1 . GLU A 1 85  ? 26.057  -8.613  -5.607  1.00 95.64 ? 94  GLU A OE1 1 
ATOM   663 O OE2 . GLU A 1 85  ? 25.568  -9.908  -3.953  1.00 93.48 ? 94  GLU A OE2 1 
ATOM   664 N N   . LYS A 1 86  ? 24.091  -3.992  -6.121  1.00 70.12 ? 95  LYS A N   1 
ATOM   665 C CA  . LYS A 1 86  ? 25.147  -3.194  -6.702  1.00 67.91 ? 95  LYS A CA  1 
ATOM   666 C C   . LYS A 1 86  ? 24.971  -1.679  -6.672  1.00 65.88 ? 95  LYS A C   1 
ATOM   667 O O   . LYS A 1 86  ? 25.983  -0.986  -6.762  1.00 68.04 ? 95  LYS A O   1 
ATOM   668 C CB  . LYS A 1 86  ? 25.335  -3.673  -8.138  1.00 68.36 ? 95  LYS A CB  1 
ATOM   669 C CG  . LYS A 1 86  ? 24.086  -3.511  -8.973  1.00 70.87 ? 95  LYS A CG  1 
ATOM   670 C CD  . LYS A 1 86  ? 24.044  -4.669  -9.949  1.00 74.87 ? 95  LYS A CD  1 
ATOM   671 C CE  . LYS A 1 86  ? 22.843  -4.598  -10.898 1.00 77.24 ? 95  LYS A CE  1 
ATOM   672 N NZ  . LYS A 1 86  ? 22.865  -3.411  -11.740 1.00 79.18 ? 95  LYS A NZ  1 
ATOM   673 N N   . GLN A 1 87  ? 23.809  -1.050  -6.474  1.00 61.04 ? 96  GLN A N   1 
ATOM   674 C CA  . GLN A 1 87  ? 23.733  0.380   -6.725  1.00 56.24 ? 96  GLN A CA  1 
ATOM   675 C C   . GLN A 1 87  ? 22.686  1.076   -5.900  1.00 52.35 ? 96  GLN A C   1 
ATOM   676 O O   . GLN A 1 87  ? 21.567  0.581   -5.837  1.00 49.54 ? 96  GLN A O   1 
ATOM   677 C CB  . GLN A 1 87  ? 23.426  0.586   -8.180  1.00 59.81 ? 96  GLN A CB  1 
ATOM   678 C CG  . GLN A 1 87  ? 23.513  2.024   -8.625  1.00 65.67 ? 96  GLN A CG  1 
ATOM   679 C CD  . GLN A 1 87  ? 24.507  2.175   -9.756  1.00 68.92 ? 96  GLN A CD  1 
ATOM   680 O OE1 . GLN A 1 87  ? 24.420  1.482   -10.769 1.00 71.40 ? 96  GLN A OE1 1 
ATOM   681 N NE2 . GLN A 1 87  ? 25.476  3.077   -9.632  1.00 70.14 ? 96  GLN A NE2 1 
ATOM   682 N N   . ALA A 1 88  ? 23.034  2.190   -5.262  1.00 49.00 ? 97  ALA A N   1 
ATOM   683 C CA  . ALA A 1 88  ? 22.083  3.002   -4.514  1.00 48.77 ? 97  ALA A CA  1 
ATOM   684 C C   . ALA A 1 88  ? 21.517  3.983   -5.519  1.00 48.74 ? 97  ALA A C   1 
ATOM   685 O O   . ALA A 1 88  ? 22.315  4.596   -6.221  1.00 51.13 ? 97  ALA A O   1 
ATOM   686 C CB  . ALA A 1 88  ? 22.732  3.843   -3.435  1.00 44.32 ? 97  ALA A CB  1 
ATOM   687 N N   . ALA A 1 89  ? 20.216  4.159   -5.679  1.00 47.75 ? 98  ALA A N   1 
ATOM   688 C CA  . ALA A 1 89  ? 19.648  5.098   -6.639  1.00 42.79 ? 98  ALA A CA  1 
ATOM   689 C C   . ALA A 1 89  ? 18.252  5.460   -6.163  1.00 41.50 ? 98  ALA A C   1 
ATOM   690 O O   . ALA A 1 89  ? 17.700  4.787   -5.268  1.00 41.91 ? 98  ALA A O   1 
ATOM   691 C CB  . ALA A 1 89  ? 19.517  4.464   -8.002  1.00 40.20 ? 98  ALA A CB  1 
ATOM   692 N N   . TRP A 1 90  ? 17.683  6.542   -6.698  1.00 36.85 ? 99  TRP A N   1 
ATOM   693 C CA  . TRP A 1 90  ? 16.326  6.886   -6.362  1.00 32.03 ? 99  TRP A CA  1 
ATOM   694 C C   . TRP A 1 90  ? 15.545  5.984   -7.221  1.00 29.53 ? 99  TRP A C   1 
ATOM   695 O O   . TRP A 1 90  ? 15.866  5.978   -8.397  1.00 32.96 ? 99  TRP A O   1 
ATOM   696 C CB  . TRP A 1 90  ? 16.019  8.223   -6.759  1.00 33.15 ? 99  TRP A CB  1 
ATOM   697 C CG  . TRP A 1 90  ? 16.752  9.122   -5.837  1.00 35.70 ? 99  TRP A CG  1 
ATOM   698 C CD1 . TRP A 1 90  ? 18.018  9.535   -6.137  1.00 40.73 ? 99  TRP A CD1 1 
ATOM   699 C CD2 . TRP A 1 90  ? 16.257  9.644   -4.673  1.00 38.20 ? 99  TRP A CD2 1 
ATOM   700 N NE1 . TRP A 1 90  ? 18.339  10.353  -5.139  1.00 43.62 ? 99  TRP A NE1 1 
ATOM   701 C CE2 . TRP A 1 90  ? 17.322  10.443  -4.253  1.00 40.21 ? 99  TRP A CE2 1 
ATOM   702 C CE3 . TRP A 1 90  ? 15.096  9.568   -3.941  1.00 38.02 ? 99  TRP A CE3 1 
ATOM   703 C CZ2 . TRP A 1 90  ? 17.254  11.190  -3.092  1.00 39.86 ? 99  TRP A CZ2 1 
ATOM   704 C CZ3 . TRP A 1 90  ? 15.023  10.313  -2.780  1.00 38.39 ? 99  TRP A CZ3 1 
ATOM   705 C CH2 . TRP A 1 90  ? 16.081  11.112  -2.358  1.00 40.21 ? 99  TRP A CH2 1 
ATOM   706 N N   . ARG A 1 91  ? 14.591  5.235   -6.710  1.00 26.49 ? 100 ARG A N   1 
ATOM   707 C CA  . ARG A 1 91  ? 13.828  4.272   -7.492  1.00 23.70 ? 100 ARG A CA  1 
ATOM   708 C C   . ARG A 1 91  ? 12.372  4.468   -7.140  1.00 25.12 ? 100 ARG A C   1 
ATOM   709 O O   . ARG A 1 91  ? 12.097  5.091   -6.121  1.00 26.54 ? 100 ARG A O   1 
ATOM   710 C CB  . ARG A 1 91  ? 14.159  2.817   -7.161  1.00 26.29 ? 100 ARG A CB  1 
ATOM   711 C CG  . ARG A 1 91  ? 15.551  2.300   -7.567  1.00 28.70 ? 100 ARG A CG  1 
ATOM   712 C CD  . ARG A 1 91  ? 15.726  0.789   -7.311  1.00 29.59 ? 100 ARG A CD  1 
ATOM   713 N NE  . ARG A 1 91  ? 17.015  0.346   -7.831  1.00 31.02 ? 100 ARG A NE  1 
ATOM   714 C CZ  . ARG A 1 91  ? 18.178  0.613   -7.222  1.00 32.63 ? 100 ARG A CZ  1 
ATOM   715 N NH1 . ARG A 1 91  ? 18.291  1.301   -6.089  1.00 34.62 ? 100 ARG A NH1 1 
ATOM   716 N NH2 . ARG A 1 91  ? 19.291  0.175   -7.761  1.00 34.48 ? 100 ARG A NH2 1 
ATOM   717 N N   . PHE A 1 92  ? 11.416  3.995   -7.940  1.00 25.84 ? 101 PHE A N   1 
ATOM   718 C CA  . PHE A 1 92  ? 10.000  4.164   -7.672  1.00 26.35 ? 101 PHE A CA  1 
ATOM   719 C C   . PHE A 1 92  ? 9.595   2.928   -6.956  1.00 25.45 ? 101 PHE A C   1 
ATOM   720 O O   . PHE A 1 92  ? 9.874   1.855   -7.505  1.00 26.30 ? 101 PHE A O   1 
ATOM   721 C CB  . PHE A 1 92  ? 9.166   4.267   -8.959  1.00 29.61 ? 101 PHE A CB  1 
ATOM   722 C CG  . PHE A 1 92  ? 8.959   5.708   -9.404  1.00 32.88 ? 101 PHE A CG  1 
ATOM   723 C CD1 . PHE A 1 92  ? 8.194   6.569   -8.638  1.00 32.70 ? 101 PHE A CD1 1 
ATOM   724 C CD2 . PHE A 1 92  ? 9.548   6.159   -10.562 1.00 33.74 ? 101 PHE A CD2 1 
ATOM   725 C CE1 . PHE A 1 92  ? 8.017   7.877   -9.024  1.00 33.52 ? 101 PHE A CE1 1 
ATOM   726 C CE2 . PHE A 1 92  ? 9.364   7.474   -10.940 1.00 34.04 ? 101 PHE A CE2 1 
ATOM   727 C CZ  . PHE A 1 92  ? 8.606   8.331   -10.180 1.00 34.15 ? 101 PHE A CZ  1 
ATOM   728 N N   . ILE A 1 93  ? 8.971   3.028   -5.792  1.00 23.66 ? 102 ILE A N   1 
ATOM   729 C CA  . ILE A 1 93  ? 8.648   1.830   -5.053  1.00 24.04 ? 102 ILE A CA  1 
ATOM   730 C C   . ILE A 1 93  ? 7.154   1.795   -4.817  1.00 24.14 ? 102 ILE A C   1 
ATOM   731 O O   . ILE A 1 93  ? 6.560   2.863   -4.737  1.00 23.46 ? 102 ILE A O   1 
ATOM   732 C CB  . ILE A 1 93  ? 9.442   1.715   -3.648  1.00 23.12 ? 102 ILE A CB  1 
ATOM   733 C CG1 . ILE A 1 93  ? 9.329   2.918   -2.716  1.00 22.54 ? 102 ILE A CG1 1 
ATOM   734 C CG2 . ILE A 1 93  ? 10.919  1.520   -3.975  1.00 17.74 ? 102 ILE A CG2 1 
ATOM   735 C CD1 . ILE A 1 93  ? 9.800   2.517   -1.292  1.00 20.35 ? 102 ILE A CD1 1 
ATOM   736 N N   . ARG A 1 94  ? 6.536   0.612   -4.758  1.00 23.42 ? 103 ARG A N   1 
ATOM   737 C CA  . ARG A 1 94  ? 5.123   0.411   -4.553  1.00 27.70 ? 103 ARG A CA  1 
ATOM   738 C C   . ARG A 1 94  ? 4.802   0.696   -3.094  1.00 29.15 ? 103 ARG A C   1 
ATOM   739 O O   . ARG A 1 94  ? 5.462   0.144   -2.218  1.00 30.67 ? 103 ARG A O   1 
ATOM   740 C CB  . ARG A 1 94  ? 4.933   -1.006  -4.988  1.00 30.19 ? 103 ARG A CB  1 
ATOM   741 C CG  . ARG A 1 94  ? 3.617   -1.687  -4.976  1.00 40.55 ? 103 ARG A CG  1 
ATOM   742 C CD  . ARG A 1 94  ? 3.872   -3.100  -5.523  1.00 52.31 ? 103 ARG A CD  1 
ATOM   743 N NE  . ARG A 1 94  ? 3.835   -3.308  -6.998  1.00 63.95 ? 103 ARG A NE  1 
ATOM   744 C CZ  . ARG A 1 94  ? 4.888   -3.478  -7.864  1.00 67.60 ? 103 ARG A CZ  1 
ATOM   745 N NH1 . ARG A 1 94  ? 6.177   -3.456  -7.509  1.00 69.54 ? 103 ARG A NH1 1 
ATOM   746 N NH2 . ARG A 1 94  ? 4.681   -3.842  -9.140  1.00 69.15 ? 103 ARG A NH2 1 
ATOM   747 N N   . ILE A 1 95  ? 3.846   1.562   -2.758  1.00 29.25 ? 104 ILE A N   1 
ATOM   748 C CA  . ILE A 1 95  ? 3.450   1.929   -1.392  1.00 26.93 ? 104 ILE A CA  1 
ATOM   749 C C   . ILE A 1 95  ? 1.990   1.525   -1.248  1.00 30.56 ? 104 ILE A C   1 
ATOM   750 O O   . ILE A 1 95  ? 1.321   1.734   -2.249  1.00 31.89 ? 104 ILE A O   1 
ATOM   751 C CB  . ILE A 1 95  ? 3.619   3.444   -1.247  1.00 26.72 ? 104 ILE A CB  1 
ATOM   752 C CG1 . ILE A 1 95  ? 5.076   3.719   -1.089  1.00 30.76 ? 104 ILE A CG1 1 
ATOM   753 C CG2 . ILE A 1 95  ? 2.978   4.037   -0.033  1.00 26.00 ? 104 ILE A CG2 1 
ATOM   754 C CD1 . ILE A 1 95  ? 5.760   3.055   0.098   1.00 34.10 ? 104 ILE A CD1 1 
ATOM   755 N N   . ASP A 1 96  ? 1.374   0.970   -0.172  1.00 32.18 ? 105 ASP A N   1 
ATOM   756 C CA  . ASP A 1 96  ? -0.049  0.613   -0.111  1.00 27.64 ? 105 ASP A CA  1 
ATOM   757 C C   . ASP A 1 96  ? -0.817  1.872   0.181   1.00 27.76 ? 105 ASP A C   1 
ATOM   758 O O   . ASP A 1 96  ? -0.458  2.511   1.164   1.00 24.81 ? 105 ASP A O   1 
ATOM   759 C CB  . ASP A 1 96  ? -0.355  -0.316  1.011   1.00 32.89 ? 105 ASP A CB  1 
ATOM   760 C CG  . ASP A 1 96  ? 0.062   -1.765  0.817   1.00 36.52 ? 105 ASP A CG  1 
ATOM   761 O OD1 . ASP A 1 96  ? 0.065   -2.259  -0.310  1.00 38.72 ? 105 ASP A OD1 1 
ATOM   762 O OD2 . ASP A 1 96  ? 0.339   -2.415  1.823   1.00 41.04 ? 105 ASP A OD2 1 
ATOM   763 N N   . THR A 1 97  ? -1.813  2.292   -0.618  1.00 26.90 ? 106 THR A N   1 
ATOM   764 C CA  . THR A 1 97  ? -2.514  3.550   -0.402  1.00 26.19 ? 106 THR A CA  1 
ATOM   765 C C   . THR A 1 97  ? -3.996  3.416   -0.236  1.00 23.52 ? 106 THR A C   1 
ATOM   766 O O   . THR A 1 97  ? -4.599  4.441   0.104   1.00 24.76 ? 106 THR A O   1 
ATOM   767 C CB  . THR A 1 97  ? -2.366  4.645   -1.536  1.00 26.12 ? 106 THR A CB  1 
ATOM   768 O OG1 . THR A 1 97  ? -2.414  4.019   -2.818  1.00 28.80 ? 106 THR A OG1 1 
ATOM   769 C CG2 . THR A 1 97  ? -1.162  5.487   -1.264  1.00 27.14 ? 106 THR A CG2 1 
ATOM   770 N N   . ALA A 1 98  ? -4.663  2.289   -0.444  1.00 23.71 ? 107 ALA A N   1 
ATOM   771 C CA  . ALA A 1 98  ? -6.088  2.273   -0.173  1.00 22.80 ? 107 ALA A CA  1 
ATOM   772 C C   . ALA A 1 98  ? -6.611  0.879   -0.109  1.00 20.09 ? 107 ALA A C   1 
ATOM   773 O O   . ALA A 1 98  ? -5.937  -0.031  -0.566  1.00 19.65 ? 107 ALA A O   1 
ATOM   774 C CB  . ALA A 1 98  ? -6.861  3.005   -1.268  1.00 29.32 ? 107 ALA A CB  1 
ATOM   775 N N   . CYS A 1 99  ? -7.798  0.789   0.483   1.00 21.29 ? 108 CYS A N   1 
ATOM   776 C CA  . CYS A 1 99  ? -8.556  -0.439  0.588   1.00 23.11 ? 108 CYS A CA  1 
ATOM   777 C C   . CYS A 1 99  ? -9.809  -0.232  -0.231  1.00 22.79 ? 108 CYS A C   1 
ATOM   778 O O   . CYS A 1 99  ? -10.632 0.626   0.119   1.00 24.54 ? 108 CYS A O   1 
ATOM   779 C CB  . CYS A 1 99  ? -8.930  -0.717  2.038   1.00 20.44 ? 108 CYS A CB  1 
ATOM   780 S SG  . CYS A 1 99  ? -9.523  -2.420  2.183   1.00 21.65 ? 108 CYS A SG  1 
ATOM   781 N N   . VAL A 1 100 ? -9.959  -0.958  -1.347  1.00 24.18 ? 109 VAL A N   1 
ATOM   782 C CA  . VAL A 1 100 ? -11.129 -0.848  -2.244  1.00 24.50 ? 109 VAL A CA  1 
ATOM   783 C C   . VAL A 1 100 ? -11.826 -2.200  -2.454  1.00 23.36 ? 109 VAL A C   1 
ATOM   784 O O   . VAL A 1 100 ? -11.219 -3.271  -2.321  1.00 23.19 ? 109 VAL A O   1 
ATOM   785 C CB  . VAL A 1 100 ? -10.729 -0.277  -3.679  1.00 27.66 ? 109 VAL A CB  1 
ATOM   786 C CG1 . VAL A 1 100 ? -9.838  0.982   -3.559  1.00 23.69 ? 109 VAL A CG1 1 
ATOM   787 C CG2 . VAL A 1 100 ? -9.953  -1.320  -4.472  1.00 22.42 ? 109 VAL A CG2 1 
ATOM   788 N N   . CYS A 1 101 ? -13.100 -2.152  -2.814  1.00 22.75 ? 110 CYS A N   1 
ATOM   789 C CA  . CYS A 1 101 ? -13.909 -3.335  -3.033  1.00 24.21 ? 110 CYS A CA  1 
ATOM   790 C C   . CYS A 1 101 ? -13.883 -3.800  -4.470  1.00 26.28 ? 110 CYS A C   1 
ATOM   791 O O   . CYS A 1 101 ? -13.990 -2.938  -5.350  1.00 27.88 ? 110 CYS A O   1 
ATOM   792 C CB  . CYS A 1 101 ? -15.318 -3.018  -2.624  1.00 24.04 ? 110 CYS A CB  1 
ATOM   793 S SG  . CYS A 1 101 ? -16.462 -4.411  -2.615  1.00 29.56 ? 110 CYS A SG  1 
ATOM   794 N N   . VAL A 1 102 ? -13.732 -5.104  -4.760  1.00 27.10 ? 111 VAL A N   1 
ATOM   795 C CA  . VAL A 1 102 ? -13.699 -5.614  -6.100  1.00 24.85 ? 111 VAL A CA  1 
ATOM   796 C C   . VAL A 1 102 ? -14.880 -6.547  -6.191  1.00 28.79 ? 111 VAL A C   1 
ATOM   797 O O   . VAL A 1 102 ? -15.091 -7.355  -5.298  1.00 30.62 ? 111 VAL A O   1 
ATOM   798 C CB  . VAL A 1 102 ? -12.377 -6.302  -6.261  1.00 24.60 ? 111 VAL A CB  1 
ATOM   799 C CG1 . VAL A 1 102 ? -12.314 -7.005  -7.569  1.00 28.89 ? 111 VAL A CG1 1 
ATOM   800 C CG2 . VAL A 1 102 ? -11.279 -5.272  -6.386  1.00 25.22 ? 111 VAL A CG2 1 
ATOM   801 N N   . LEU A 1 103 ? -15.684 -6.482  -7.235  1.00 30.01 ? 112 LEU A N   1 
ATOM   802 C CA  . LEU A 1 103 ? -16.861 -7.303  -7.379  1.00 31.60 ? 112 LEU A CA  1 
ATOM   803 C C   . LEU A 1 103 ? -16.741 -8.306  -8.524  1.00 34.40 ? 112 LEU A C   1 
ATOM   804 O O   . LEU A 1 103 ? -15.831 -8.227  -9.362  1.00 34.73 ? 112 LEU A O   1 
ATOM   805 C CB  . LEU A 1 103 ? -18.052 -6.482  -7.696  1.00 32.45 ? 112 LEU A CB  1 
ATOM   806 C CG  . LEU A 1 103 ? -18.631 -5.446  -6.826  1.00 33.79 ? 112 LEU A CG  1 
ATOM   807 C CD1 . LEU A 1 103 ? -19.786 -4.833  -7.568  1.00 34.48 ? 112 LEU A CD1 1 
ATOM   808 C CD2 . LEU A 1 103 ? -19.261 -6.037  -5.609  1.00 35.68 ? 112 LEU A CD2 1 
ATOM   809 N N   . SER A 1 104 ? -17.688 -9.246  -8.594  1.00 38.31 ? 113 SER A N   1 
ATOM   810 C CA  . SER A 1 104 ? -17.846 -10.220 -9.671  1.00 42.29 ? 113 SER A CA  1 
ATOM   811 C C   . SER A 1 104 ? -19.226 -10.834 -9.467  1.00 44.76 ? 113 SER A C   1 
ATOM   812 O O   . SER A 1 104 ? -19.787 -10.654 -8.376  1.00 43.66 ? 113 SER A O   1 
ATOM   813 C CB  . SER A 1 104 ? -16.795 -11.299 -9.585  1.00 41.30 ? 113 SER A CB  1 
ATOM   814 O OG  . SER A 1 104 ? -16.727 -11.809 -8.274  1.00 46.86 ? 113 SER A OG  1 
ATOM   815 N N   . ARG A 1 105 ? -19.812 -11.536 -10.458 1.00 49.84 ? 114 ARG A N   1 
ATOM   816 C CA  . ARG A 1 105 ? -21.168 -12.037 -10.295 1.00 53.67 ? 114 ARG A CA  1 
ATOM   817 C C   . ARG A 1 105 ? -21.180 -13.401 -9.628  1.00 53.99 ? 114 ARG A C   1 
ATOM   818 O O   . ARG A 1 105 ? -20.354 -14.266 -9.902  1.00 53.47 ? 114 ARG A O   1 
ATOM   819 C CB  . ARG A 1 105 ? -21.909 -12.169 -11.632 1.00 56.68 ? 114 ARG A CB  1 
ATOM   820 C CG  . ARG A 1 105 ? -23.432 -12.079 -11.362 1.00 62.77 ? 114 ARG A CG  1 
ATOM   821 C CD  . ARG A 1 105 ? -24.417 -12.454 -12.487 1.00 68.33 ? 114 ARG A CD  1 
ATOM   822 N NE  . ARG A 1 105 ? -24.349 -13.861 -12.878 1.00 73.23 ? 114 ARG A NE  1 
ATOM   823 C CZ  . ARG A 1 105 ? -25.429 -14.628 -13.145 1.00 75.65 ? 114 ARG A CZ  1 
ATOM   824 N NH1 . ARG A 1 105 ? -26.678 -14.140 -13.071 1.00 75.51 ? 114 ARG A NH1 1 
ATOM   825 N NH2 . ARG A 1 105 ? -25.244 -15.924 -13.486 1.00 76.37 ? 114 ARG A NH2 1 
ATOM   826 N N   . LYS A 1 106 ? -22.144 -13.543 -8.738  1.00 55.56 ? 115 LYS A N   1 
ATOM   827 C CA  . LYS A 1 106 ? -22.399 -14.769 -8.023  1.00 61.17 ? 115 LYS A CA  1 
ATOM   828 C C   . LYS A 1 106 ? -23.062 -15.645 -9.096  1.00 67.11 ? 115 LYS A C   1 
ATOM   829 O O   . LYS A 1 106 ? -23.706 -15.087 -9.997  1.00 68.34 ? 115 LYS A O   1 
ATOM   830 C CB  . LYS A 1 106 ? -23.359 -14.436 -6.851  1.00 59.71 ? 115 LYS A CB  1 
ATOM   831 C CG  . LYS A 1 106 ? -23.209 -15.057 -5.457  1.00 59.25 ? 115 LYS A CG  1 
ATOM   832 C CD  . LYS A 1 106 ? -23.407 -16.587 -5.442  1.00 66.18 ? 115 LYS A CD  1 
ATOM   833 C CE  . LYS A 1 106 ? -22.174 -17.565 -5.251  1.00 67.16 ? 115 LYS A CE  1 
ATOM   834 N NZ  . LYS A 1 106 ? -21.361 -17.859 -6.434  1.00 66.86 ? 115 LYS A NZ  1 
ATOM   835 N N   . ALA A 1 107 ? -22.920 -16.976 -9.085  1.00 72.23 ? 116 ALA A N   1 
ATOM   836 C CA  . ALA A 1 107 ? -23.655 -17.889 -9.963  1.00 75.10 ? 116 ALA A CA  1 
ATOM   837 C C   . ALA A 1 107 ? -23.942 -19.105 -9.061  1.00 78.16 ? 116 ALA A C   1 
ATOM   838 O O   . ALA A 1 107 ? -25.115 -19.441 -8.857  1.00 80.68 ? 116 ALA A O   1 
ATOM   839 C CB  . ALA A 1 107 ? -22.795 -18.324 -11.149 1.00 74.76 ? 116 ALA A CB  1 
ATOM   840 O OXT . ALA A 1 107 ? -22.992 -19.657 -8.483  1.00 80.32 ? 116 ALA A OXT 1 
HETATM 841 O O   . HOH B 2 .   ? -14.974 7.520   5.223   1.00 73.07 ? 117 HOH A O   1 
HETATM 842 O O   . HOH B 2 .   ? -8.645  3.262   1.918   1.00 36.07 ? 118 HOH A O   1 
HETATM 843 O O   . HOH B 2 .   ? -10.472 -0.499  10.302  1.00 42.49 ? 119 HOH A O   1 
HETATM 844 O O   . HOH B 2 .   ? 5.198   13.110  10.090  1.00 47.64 ? 120 HOH A O   1 
HETATM 845 O O   . HOH B 2 .   ? 7.085   -2.253  -1.220  1.00 62.04 ? 121 HOH A O   1 
HETATM 846 O O   . HOH B 2 .   ? 20.369  4.682   5.691   1.00 34.62 ? 122 HOH A O   1 
HETATM 847 O O   . HOH B 2 .   ? 10.415  12.788  5.101   1.00 44.63 ? 123 HOH A O   1 
HETATM 848 O O   . HOH B 2 .   ? -3.238  -6.668  7.399   1.00 84.75 ? 124 HOH A O   1 
HETATM 849 O O   . HOH B 2 .   ? -5.802  -6.533  -5.891  1.00 60.37 ? 125 HOH A O   1 
HETATM 850 O O   . HOH B 2 .   ? -3.063  -3.342  -7.329  1.00 81.26 ? 126 HOH A O   1 
HETATM 851 O O   . HOH B 2 .   ? 7.659   10.921  -5.265  1.00 47.95 ? 127 HOH A O   1 
HETATM 852 O O   . HOH B 2 .   ? 7.270   3.456   11.813  1.00 44.37 ? 128 HOH A O   1 
HETATM 853 O O   . HOH B 2 .   ? 11.777  -8.982  -6.311  1.00 82.56 ? 129 HOH A O   1 
HETATM 854 O O   . HOH B 2 .   ? 16.414  9.865   11.958  1.00 45.56 ? 130 HOH A O   1 
HETATM 855 O O   . HOH B 2 .   ? -22.071 -2.849  7.938   1.00 37.37 ? 131 HOH A O   1 
HETATM 856 O O   . HOH B 2 .   ? 12.422  10.771  -13.264 1.00 54.91 ? 132 HOH A O   1 
HETATM 857 O O   . HOH B 2 .   ? -11.659 2.605   2.622   1.00 42.85 ? 133 HOH A O   1 
HETATM 858 O O   . HOH B 2 .   ? -13.398 1.320   -0.255  1.00 38.23 ? 134 HOH A O   1 
HETATM 859 O O   . HOH B 2 .   ? -9.456  -0.122  13.031  1.00 47.92 ? 135 HOH A O   1 
HETATM 860 O O   . HOH B 2 .   ? 13.917  3.677   7.599   1.00 38.58 ? 136 HOH A O   1 
HETATM 861 O O   . HOH B 2 .   ? 3.790   8.409   1.026   1.00 41.22 ? 137 HOH A O   1 
HETATM 862 O O   . HOH B 2 .   ? -3.148  6.284   1.779   1.00 48.99 ? 138 HOH A O   1 
HETATM 863 O O   . HOH B 2 .   ? -11.629 -4.287  5.488   1.00 29.39 ? 139 HOH A O   1 
HETATM 864 O O   . HOH B 2 .   ? -18.685 -13.088 -1.374  1.00 38.86 ? 140 HOH A O   1 
HETATM 865 O O   . HOH B 2 .   ? -21.661 -13.492 -1.537  1.00 52.51 ? 141 HOH A O   1 
HETATM 866 O O   . HOH B 2 .   ? -20.646 -10.050 -1.605  1.00 44.19 ? 142 HOH A O   1 
HETATM 867 O O   . HOH B 2 .   ? -23.417 -5.160  4.711   1.00 44.09 ? 143 HOH A O   1 
HETATM 868 O O   . HOH B 2 .   ? -26.779 -3.600  -7.797  1.00 47.89 ? 144 HOH A O   1 
HETATM 869 O O   . HOH B 2 .   ? -6.461  2.870   -5.813  1.00 47.72 ? 145 HOH A O   1 
HETATM 870 O O   . HOH B 2 .   ? 11.225  9.669   0.025   1.00 45.28 ? 146 HOH A O   1 
HETATM 871 O O   . HOH B 2 .   ? 13.017  13.560  1.995   1.00 54.86 ? 147 HOH A O   1 
HETATM 872 O O   . HOH B 2 .   ? -30.200 -12.431 -12.936 1.00 36.50 ? 148 HOH A O   1 
# 
